data_7ETH
#
_entry.id   7ETH
#
_cell.length_a   147.183
_cell.length_b   89.643
_cell.length_c   86.312
_cell.angle_alpha   90.000
_cell.angle_beta   122.550
_cell.angle_gamma   90.000
#
_symmetry.space_group_name_H-M   'C 1 2 1'
#
loop_
_entity.id
_entity.type
_entity.pdbx_description
1 polymer '4-hydroxy-2-oxoheptanedioate aldolase'
2 non-polymer 'PYRUVIC ACID'
3 non-polymer 'ZINC ION'
4 non-polymer PROPANAL
5 non-polymer 'CALCIUM ION'
6 water water
#
_entity_poly.entity_id   1
_entity_poly.type   'polypeptide(L)'
_entity_poly.pdbx_seq_one_letter_code
;MVNTVNYFKQKLKTEQQIGMWVGLADGYCAEIAANVGYDWLLIDGEHAPNDVRSILAQLQSIAAYPSQAVVRPVSGDVPL
IKQLLDIGAQTLLIPMVESAEQAELMVKATRYPPEGIRGVGAALARASRWNNISDYLQTADEQICLLVQVESKKGLDNLD
EILNVDGVDGIFIGPADLSAALGYRGNPGHEFVQNIIVQTIQKIRAAGKAAGILSADEKLAKQYLELGTEFVAVGVDTSL
LMKSMKQLLSKFKNVDGPVSTSPSVY
;
_entity_poly.pdbx_strand_id   A,B,C
#
# COMPACT_ATOMS: atom_id res chain seq x y z
N ASN A 3 -15.38 1.11 27.12
CA ASN A 3 -14.75 2.38 26.62
C ASN A 3 -13.73 2.05 25.51
N THR A 4 -12.88 1.02 25.67
CA THR A 4 -12.17 0.30 24.56
C THR A 4 -12.32 -1.22 24.72
N VAL A 5 -13.38 -1.64 25.39
CA VAL A 5 -13.74 -3.06 25.52
C VAL A 5 -14.24 -3.47 24.13
N ASN A 6 -13.76 -4.60 23.63
CA ASN A 6 -14.22 -5.09 22.30
C ASN A 6 -15.49 -5.89 22.55
N TYR A 7 -16.62 -5.21 22.48
CA TYR A 7 -17.96 -5.80 22.73
C TYR A 7 -18.27 -6.81 21.64
N PHE A 8 -17.78 -6.61 20.41
CA PHE A 8 -18.04 -7.56 19.31
C PHE A 8 -17.43 -8.91 19.71
N LYS A 9 -16.21 -8.84 20.21
CA LYS A 9 -15.44 -10.02 20.64
C LYS A 9 -16.19 -10.78 21.74
N GLN A 10 -16.66 -10.10 22.78
CA GLN A 10 -17.41 -10.72 23.91
C GLN A 10 -18.70 -11.34 23.41
N LYS A 11 -19.44 -10.62 22.56
CA LYS A 11 -20.74 -11.11 22.06
C LYS A 11 -20.58 -12.31 21.12
N LEU A 12 -19.39 -12.65 20.61
CA LEU A 12 -19.21 -13.91 19.82
C LEU A 12 -19.61 -15.15 20.65
N LYS A 13 -19.60 -15.11 21.98
CA LYS A 13 -19.90 -16.30 22.84
C LYS A 13 -21.32 -16.20 23.42
N THR A 14 -22.04 -15.13 23.11
CA THR A 14 -23.12 -14.57 23.97
C THR A 14 -24.39 -14.34 23.14
N GLU A 15 -24.27 -13.87 21.90
CA GLU A 15 -25.47 -13.57 21.11
C GLU A 15 -25.11 -13.61 19.63
N GLN A 16 -26.10 -13.42 18.79
CA GLN A 16 -25.93 -13.35 17.33
C GLN A 16 -25.92 -11.87 16.97
N GLN A 17 -24.90 -11.44 16.23
CA GLN A 17 -24.60 -10.02 15.95
C GLN A 17 -24.90 -9.71 14.50
N ILE A 18 -25.74 -8.71 14.26
CA ILE A 18 -26.26 -8.35 12.92
C ILE A 18 -25.41 -7.23 12.37
N GLY A 19 -24.98 -7.36 11.13
CA GLY A 19 -23.91 -6.53 10.57
C GLY A 19 -24.32 -5.82 9.33
N MET A 20 -23.70 -4.68 9.06
CA MET A 20 -23.87 -3.89 7.80
C MET A 20 -22.49 -3.72 7.17
N TRP A 21 -22.38 -4.03 5.88
CA TRP A 21 -21.14 -3.80 5.08
C TRP A 21 -21.03 -2.31 4.75
N VAL A 22 -19.89 -1.71 5.02
CA VAL A 22 -19.64 -0.27 4.74
C VAL A 22 -18.55 -0.17 3.68
N GLY A 23 -18.99 0.10 2.45
CA GLY A 23 -18.08 0.38 1.33
C GLY A 23 -18.33 1.73 0.70
N LEU A 24 -18.99 2.68 1.38
CA LEU A 24 -19.10 4.06 0.82
C LEU A 24 -17.82 4.84 1.09
N ALA A 25 -16.94 4.36 1.98
CA ALA A 25 -15.50 4.71 2.10
C ALA A 25 -15.27 6.19 2.47
N ASP A 26 -16.11 6.78 3.29
CA ASP A 26 -15.83 8.11 3.91
C ASP A 26 -16.48 8.15 5.30
N GLY A 27 -15.91 9.00 6.16
CA GLY A 27 -16.36 9.20 7.53
C GLY A 27 -17.81 9.66 7.63
N TYR A 28 -18.33 10.38 6.65
CA TYR A 28 -19.72 10.91 6.70
C TYR A 28 -20.73 9.77 6.51
N CYS A 29 -20.53 8.95 5.47
CA CYS A 29 -21.34 7.73 5.19
C CYS A 29 -21.29 6.71 6.34
N ALA A 30 -20.13 6.55 6.96
CA ALA A 30 -19.92 5.57 8.05
C ALA A 30 -20.70 6.01 9.30
N GLU A 31 -20.78 7.32 9.52
CA GLU A 31 -21.58 7.89 10.61
C GLU A 31 -23.06 7.64 10.32
N ILE A 32 -23.57 7.86 9.13
CA ILE A 32 -24.98 7.56 8.82
C ILE A 32 -25.25 6.11 9.23
N ALA A 33 -24.49 5.17 8.68
CA ALA A 33 -24.64 3.73 8.98
C ALA A 33 -24.57 3.52 10.50
N ALA A 34 -23.68 4.24 11.19
CA ALA A 34 -23.44 4.04 12.63
C ALA A 34 -24.70 4.38 13.46
N ASN A 35 -25.61 5.23 12.95
CA ASN A 35 -26.82 5.70 13.68
C ASN A 35 -27.95 4.69 13.59
N VAL A 36 -27.84 3.65 12.76
CA VAL A 36 -28.94 2.68 12.54
C VAL A 36 -29.06 1.70 13.73
N GLY A 37 -27.98 1.22 14.34
CA GLY A 37 -28.10 0.28 15.45
C GLY A 37 -27.64 -1.13 15.09
N TYR A 38 -26.87 -1.33 14.01
CA TYR A 38 -26.25 -2.63 13.68
C TYR A 38 -25.31 -2.98 14.82
N ASP A 39 -25.17 -4.29 15.10
CA ASP A 39 -24.25 -4.76 16.16
C ASP A 39 -22.82 -4.47 15.68
N TRP A 40 -22.57 -4.59 14.37
CA TRP A 40 -21.24 -4.36 13.75
C TRP A 40 -21.37 -3.73 12.37
N LEU A 41 -20.28 -3.11 11.96
CA LEU A 41 -20.10 -2.38 10.70
C LEU A 41 -18.77 -2.87 10.13
N LEU A 42 -18.79 -3.37 8.91
CA LEU A 42 -17.58 -3.90 8.25
C LEU A 42 -17.05 -2.75 7.37
N ILE A 43 -15.96 -2.17 7.79
CA ILE A 43 -15.23 -1.18 6.97
C ILE A 43 -14.37 -1.96 5.99
N ASP A 44 -14.69 -1.86 4.69
CA ASP A 44 -14.16 -2.82 3.69
C ASP A 44 -12.95 -2.25 2.99
N GLY A 45 -11.75 -2.62 3.42
CA GLY A 45 -10.49 -2.16 2.82
C GLY A 45 -10.08 -3.05 1.64
N GLU A 46 -10.85 -4.07 1.32
CA GLU A 46 -10.51 -5.03 0.23
C GLU A 46 -11.27 -4.67 -1.05
N HIS A 47 -12.58 -4.42 -0.96
CA HIS A 47 -13.45 -4.20 -2.15
C HIS A 47 -14.08 -2.80 -2.18
N ALA A 48 -13.71 -1.90 -1.28
CA ALA A 48 -14.13 -0.50 -1.34
C ALA A 48 -12.86 0.34 -1.43
N PRO A 49 -12.90 1.54 -2.06
CA PRO A 49 -11.70 2.37 -2.24
C PRO A 49 -11.28 3.08 -0.95
N ASN A 50 -10.75 2.28 -0.03
CA ASN A 50 -10.28 2.72 1.29
C ASN A 50 -8.75 2.66 1.36
N ASP A 51 -8.13 3.52 2.15
CA ASP A 51 -6.73 3.36 2.58
C ASP A 51 -6.75 3.55 4.09
N VAL A 52 -5.59 3.60 4.72
CA VAL A 52 -5.47 3.65 6.19
C VAL A 52 -6.15 4.92 6.69
N ARG A 53 -5.97 6.03 5.98
CA ARG A 53 -6.47 7.32 6.49
C ARG A 53 -7.98 7.34 6.34
N SER A 54 -8.56 6.80 5.27
CA SER A 54 -10.04 6.79 5.10
C SER A 54 -10.65 5.89 6.18
N ILE A 55 -9.94 4.83 6.54
CA ILE A 55 -10.45 3.84 7.54
C ILE A 55 -10.39 4.53 8.91
N LEU A 56 -9.30 5.24 9.19
CA LEU A 56 -9.18 6.03 10.44
C LEU A 56 -10.38 6.96 10.53
N ALA A 57 -10.67 7.72 9.48
CA ALA A 57 -11.79 8.70 9.51
C ALA A 57 -13.08 7.94 9.89
N GLN A 58 -13.28 6.74 9.37
CA GLN A 58 -14.53 5.97 9.60
C GLN A 58 -14.51 5.38 11.01
N LEU A 59 -13.36 4.98 11.55
CA LEU A 59 -13.28 4.54 12.97
C LEU A 59 -13.68 5.73 13.87
N GLN A 60 -13.20 6.91 13.55
CA GLN A 60 -13.49 8.10 14.38
C GLN A 60 -14.98 8.40 14.35
N SER A 61 -15.63 8.33 13.18
CA SER A 61 -17.09 8.61 13.05
C SER A 61 -17.89 7.66 13.95
N ILE A 62 -17.63 6.38 13.69
CA ILE A 62 -18.31 5.22 14.32
C ILE A 62 -18.09 5.20 15.84
N ALA A 63 -16.94 5.68 16.33
CA ALA A 63 -16.52 5.52 17.74
C ALA A 63 -17.54 6.17 18.70
N ALA A 64 -18.35 7.13 18.28
CA ALA A 64 -19.32 7.83 19.16
C ALA A 64 -20.56 6.95 19.35
N TYR A 65 -20.63 5.82 18.68
CA TYR A 65 -21.92 5.07 18.54
C TYR A 65 -21.71 3.67 19.05
N PRO A 66 -22.75 2.98 19.56
CA PRO A 66 -22.58 1.60 20.01
C PRO A 66 -22.13 0.57 18.97
N SER A 67 -22.42 0.74 17.68
CA SER A 67 -21.98 -0.22 16.61
C SER A 67 -20.46 -0.44 16.73
N GLN A 68 -20.04 -1.70 16.69
CA GLN A 68 -18.63 -2.14 16.76
C GLN A 68 -18.07 -2.20 15.35
N ALA A 69 -16.86 -1.69 15.15
CA ALA A 69 -16.22 -1.66 13.82
C ALA A 69 -15.42 -2.94 13.62
N VAL A 70 -15.47 -3.46 12.43
CA VAL A 70 -14.60 -4.57 11.95
C VAL A 70 -13.99 -4.07 10.67
N VAL A 71 -12.68 -4.25 10.53
CA VAL A 71 -11.95 -3.77 9.34
C VAL A 71 -11.48 -4.97 8.54
N ARG A 72 -11.86 -5.02 7.27
CA ARG A 72 -11.27 -6.01 6.34
C ARG A 72 -10.08 -5.38 5.63
N PRO A 73 -8.83 -5.75 5.92
CA PRO A 73 -7.75 -5.34 5.03
C PRO A 73 -7.81 -6.01 3.64
N VAL A 74 -7.09 -5.40 2.69
CA VAL A 74 -7.05 -5.83 1.27
C VAL A 74 -6.48 -7.26 1.19
N SER A 75 -5.54 -7.63 2.08
CA SER A 75 -4.91 -8.97 2.16
C SER A 75 -4.34 -9.16 3.56
N GLY A 76 -3.94 -10.40 3.88
CA GLY A 76 -3.25 -10.74 5.12
C GLY A 76 -1.80 -10.24 5.15
N ASP A 77 -1.62 -8.95 4.98
CA ASP A 77 -0.29 -8.29 4.90
C ASP A 77 0.07 -7.85 6.31
N VAL A 78 1.19 -8.31 6.84
CA VAL A 78 1.56 -8.09 8.27
C VAL A 78 1.77 -6.59 8.52
N PRO A 79 2.53 -5.83 7.69
CA PRO A 79 2.68 -4.40 7.92
C PRO A 79 1.35 -3.64 7.87
N LEU A 80 0.45 -3.98 6.94
CA LEU A 80 -0.87 -3.28 6.83
C LEU A 80 -1.71 -3.61 8.09
N ILE A 81 -1.62 -4.84 8.57
CA ILE A 81 -2.31 -5.25 9.81
C ILE A 81 -1.80 -4.38 10.97
N LYS A 82 -0.48 -4.22 11.07
CA LYS A 82 0.18 -3.36 12.09
C LYS A 82 -0.43 -1.94 12.03
N GLN A 83 -0.54 -1.37 10.83
CA GLN A 83 -1.08 -0.01 10.65
C GLN A 83 -2.53 0.06 11.12
N LEU A 84 -3.34 -0.94 10.78
CA LEU A 84 -4.79 -0.93 11.09
C LEU A 84 -4.97 -1.07 12.60
N LEU A 85 -4.16 -1.91 13.25
CA LEU A 85 -4.25 -2.05 14.72
C LEU A 85 -3.87 -0.72 15.38
N ASP A 86 -2.86 -0.04 14.88
CA ASP A 86 -2.36 1.19 15.55
C ASP A 86 -3.39 2.33 15.44
N ILE A 87 -4.16 2.39 14.35
CA ILE A 87 -5.21 3.43 14.21
C ILE A 87 -6.43 3.06 15.06
N GLY A 88 -6.47 1.87 15.62
CA GLY A 88 -7.39 1.51 16.71
C GLY A 88 -8.48 0.50 16.31
N ALA A 89 -8.39 -0.08 15.10
CA ALA A 89 -9.21 -1.22 14.68
C ALA A 89 -8.96 -2.41 15.62
N GLN A 90 -9.96 -2.85 16.35
CA GLN A 90 -9.84 -3.94 17.36
C GLN A 90 -10.28 -5.28 16.79
N THR A 91 -11.02 -5.28 15.67
CA THR A 91 -11.47 -6.53 15.02
C THR A 91 -11.10 -6.44 13.55
N LEU A 92 -10.39 -7.45 13.06
CA LEU A 92 -9.94 -7.59 11.68
C LEU A 92 -10.53 -8.87 11.09
N LEU A 93 -10.93 -8.75 9.83
CA LEU A 93 -11.45 -9.84 8.99
C LEU A 93 -10.43 -10.01 7.85
N ILE A 94 -9.67 -11.07 7.89
CA ILE A 94 -8.59 -11.31 6.91
C ILE A 94 -9.17 -12.11 5.75
N PRO A 95 -9.12 -11.58 4.51
CA PRO A 95 -9.64 -12.30 3.36
C PRO A 95 -8.74 -13.45 2.92
N MET A 96 -9.37 -14.44 2.31
CA MET A 96 -8.66 -15.46 1.49
C MET A 96 -7.63 -16.17 2.34
N VAL A 97 -8.00 -16.67 3.51
CA VAL A 97 -7.04 -17.44 4.35
C VAL A 97 -7.12 -18.93 3.96
N GLU A 98 -5.96 -19.57 3.73
CA GLU A 98 -5.90 -20.84 2.97
C GLU A 98 -5.12 -21.92 3.68
N SER A 99 -4.55 -21.65 4.85
CA SER A 99 -3.80 -22.71 5.58
C SER A 99 -3.72 -22.35 7.06
N ALA A 100 -3.47 -23.35 7.90
CA ALA A 100 -3.23 -23.15 9.34
C ALA A 100 -2.01 -22.23 9.51
N GLU A 101 -0.98 -22.40 8.68
CA GLU A 101 0.27 -21.60 8.69
C GLU A 101 -0.11 -20.12 8.45
N GLN A 102 -0.96 -19.83 7.47
CA GLN A 102 -1.31 -18.44 7.16
C GLN A 102 -2.14 -17.87 8.34
N ALA A 103 -3.11 -18.62 8.87
CA ALA A 103 -3.93 -18.21 10.02
C ALA A 103 -3.04 -17.95 11.26
N GLU A 104 -2.05 -18.80 11.48
CA GLU A 104 -1.07 -18.62 12.60
C GLU A 104 -0.29 -17.32 12.38
N LEU A 105 0.09 -17.02 11.14
CA LEU A 105 0.85 -15.78 10.85
C LEU A 105 -0.05 -14.59 11.21
N MET A 106 -1.34 -14.66 10.91
CA MET A 106 -2.32 -13.57 11.19
C MET A 106 -2.51 -13.40 12.71
N VAL A 107 -2.60 -14.49 13.47
CA VAL A 107 -2.65 -14.43 14.96
C VAL A 107 -1.42 -13.64 15.43
N LYS A 108 -0.23 -14.05 14.99
CA LYS A 108 1.03 -13.42 15.42
C LYS A 108 1.04 -11.94 15.02
N ALA A 109 0.48 -11.60 13.85
CA ALA A 109 0.47 -10.23 13.30
C ALA A 109 -0.36 -9.33 14.22
N THR A 110 -1.27 -9.89 15.02
CA THR A 110 -2.12 -9.11 15.95
C THR A 110 -1.59 -9.10 17.38
N ARG A 111 -0.42 -9.70 17.66
CA ARG A 111 0.08 -9.79 19.05
C ARG A 111 1.51 -9.25 19.11
N TYR A 112 1.81 -8.51 20.16
CA TYR A 112 3.12 -7.90 20.43
C TYR A 112 4.17 -9.00 20.66
N PRO A 113 5.46 -8.72 20.38
CA PRO A 113 6.53 -9.61 20.81
C PRO A 113 6.51 -9.64 22.35
N PRO A 114 7.00 -10.74 22.96
CA PRO A 114 7.68 -11.82 22.23
C PRO A 114 6.82 -12.91 21.59
N GLU A 115 5.53 -13.03 21.99
CA GLU A 115 4.55 -14.04 21.47
C GLU A 115 4.22 -13.75 20.00
N GLY A 116 4.15 -12.49 19.56
CA GLY A 116 3.70 -12.14 18.21
C GLY A 116 4.70 -11.29 17.46
N ILE A 117 4.29 -10.69 16.34
CA ILE A 117 5.19 -9.85 15.49
C ILE A 117 4.57 -8.47 15.18
N ARG A 118 3.56 -8.08 15.93
CA ARG A 118 2.97 -6.72 15.86
C ARG A 118 4.06 -5.73 16.26
N GLY A 119 4.40 -4.84 15.35
CA GLY A 119 5.30 -3.70 15.61
C GLY A 119 4.80 -2.83 16.74
N VAL A 120 5.72 -2.43 17.63
CA VAL A 120 5.43 -1.66 18.85
C VAL A 120 5.66 -0.19 18.56
N GLY A 121 4.61 0.61 18.68
CA GLY A 121 4.76 2.08 18.59
C GLY A 121 3.58 2.79 19.22
N ALA A 122 3.27 2.41 20.46
CA ALA A 122 2.07 2.81 21.23
C ALA A 122 1.96 4.33 21.42
N ALA A 123 3.07 5.05 21.57
CA ALA A 123 3.10 6.53 21.81
C ALA A 123 2.40 7.28 20.69
N LEU A 124 2.46 6.73 19.48
CA LEU A 124 2.02 7.40 18.24
C LEU A 124 0.58 6.97 17.88
N ALA A 125 0.03 5.99 18.58
CA ALA A 125 -1.15 5.22 18.11
C ALA A 125 -2.42 5.78 18.74
N ARG A 126 -3.46 5.98 17.94
CA ARG A 126 -4.85 6.07 18.40
C ARG A 126 -5.23 4.80 19.19
N ALA A 127 -4.73 3.59 18.86
CA ALA A 127 -5.05 2.36 19.62
C ALA A 127 -4.84 2.54 21.14
N SER A 128 -3.74 3.13 21.57
CA SER A 128 -3.42 3.38 23.00
C SER A 128 -3.96 4.75 23.45
N ARG A 129 -4.69 5.46 22.58
CA ARG A 129 -4.97 6.90 22.73
C ARG A 129 -3.67 7.66 23.10
N TRP A 130 -2.59 7.46 22.36
CA TRP A 130 -1.32 8.20 22.49
C TRP A 130 -0.79 8.07 23.92
N ASN A 131 -0.80 6.82 24.43
CA ASN A 131 -0.39 6.37 25.79
C ASN A 131 -1.32 6.88 26.89
N ASN A 132 -2.51 7.39 26.56
CA ASN A 132 -3.49 7.83 27.57
C ASN A 132 -4.22 6.60 28.15
N ILE A 133 -4.17 5.45 27.47
CA ILE A 133 -4.45 4.12 28.08
C ILE A 133 -3.12 3.58 28.63
N SER A 134 -2.94 3.65 29.95
CA SER A 134 -1.64 3.57 30.68
C SER A 134 -0.94 2.21 30.48
N ASP A 135 -1.72 1.13 30.49
CA ASP A 135 -1.24 -0.28 30.51
C ASP A 135 -1.46 -0.94 29.13
N TYR A 136 -1.61 -0.11 28.09
CA TYR A 136 -2.03 -0.55 26.74
C TYR A 136 -1.17 -1.75 26.29
N LEU A 137 0.16 -1.63 26.40
CA LEU A 137 1.12 -2.65 25.92
C LEU A 137 0.91 -3.98 26.64
N GLN A 138 0.36 -3.96 27.86
CA GLN A 138 0.13 -5.18 28.69
C GLN A 138 -1.25 -5.79 28.37
N THR A 139 -2.26 -4.99 28.00
CA THR A 139 -3.68 -5.42 27.90
C THR A 139 -4.20 -5.44 26.46
N ALA A 140 -3.47 -4.88 25.50
CA ALA A 140 -4.00 -4.67 24.11
C ALA A 140 -4.61 -5.98 23.57
N ASP A 141 -3.86 -7.09 23.64
CA ASP A 141 -4.33 -8.33 22.99
C ASP A 141 -5.68 -8.79 23.56
N GLU A 142 -6.01 -8.57 24.83
CA GLU A 142 -7.29 -9.06 25.40
C GLU A 142 -8.46 -8.52 24.56
N GLN A 143 -8.36 -7.31 23.98
CA GLN A 143 -9.48 -6.66 23.23
C GLN A 143 -9.29 -6.72 21.71
N ILE A 144 -8.34 -7.50 21.19
CA ILE A 144 -8.12 -7.70 19.74
C ILE A 144 -8.85 -9.00 19.35
N CYS A 145 -9.67 -8.94 18.30
CA CYS A 145 -10.44 -10.06 17.76
C CYS A 145 -9.97 -10.37 16.34
N LEU A 146 -9.57 -11.61 16.06
CA LEU A 146 -9.08 -11.98 14.70
C LEU A 146 -10.11 -12.88 14.03
N LEU A 147 -10.70 -12.42 12.91
CA LEU A 147 -11.56 -13.29 12.07
C LEU A 147 -10.80 -13.58 10.78
N VAL A 148 -10.93 -14.80 10.27
CA VAL A 148 -10.35 -15.17 8.95
C VAL A 148 -11.47 -15.65 8.02
N GLN A 149 -11.36 -15.28 6.75
CA GLN A 149 -12.31 -15.71 5.70
C GLN A 149 -11.83 -17.04 5.11
N VAL A 150 -12.74 -18.01 5.06
CA VAL A 150 -12.63 -19.22 4.20
C VAL A 150 -13.54 -19.01 3.00
N GLU A 151 -12.94 -19.01 1.82
CA GLU A 151 -13.65 -18.57 0.60
C GLU A 151 -12.93 -19.05 -0.66
N SER A 152 -12.30 -20.22 -0.58
CA SER A 152 -11.61 -20.86 -1.74
C SER A 152 -11.56 -22.37 -1.50
N LYS A 153 -11.25 -23.12 -2.54
CA LYS A 153 -11.13 -24.59 -2.46
C LYS A 153 -10.03 -24.87 -1.46
N LYS A 154 -8.90 -24.19 -1.59
CA LYS A 154 -7.76 -24.46 -0.67
C LYS A 154 -8.17 -24.13 0.77
N GLY A 155 -8.86 -23.04 1.01
CA GLY A 155 -9.42 -22.77 2.33
C GLY A 155 -10.25 -23.92 2.85
N LEU A 156 -11.20 -24.42 2.08
CA LEU A 156 -12.04 -25.57 2.52
C LEU A 156 -11.15 -26.81 2.72
N ASP A 157 -10.08 -26.94 1.93
CA ASP A 157 -9.13 -28.10 2.00
C ASP A 157 -8.29 -28.03 3.29
N ASN A 158 -8.30 -26.89 3.98
CA ASN A 158 -7.47 -26.67 5.19
C ASN A 158 -8.38 -26.21 6.32
N LEU A 159 -9.68 -26.53 6.21
CA LEU A 159 -10.68 -25.98 7.16
C LEU A 159 -10.41 -26.52 8.57
N ASP A 160 -10.24 -27.85 8.74
CA ASP A 160 -10.00 -28.47 10.08
C ASP A 160 -8.72 -27.91 10.71
N GLU A 161 -7.68 -27.74 9.90
CA GLU A 161 -6.35 -27.24 10.35
C GLU A 161 -6.53 -25.78 10.80
N ILE A 162 -7.24 -24.96 10.03
CA ILE A 162 -7.43 -23.52 10.39
C ILE A 162 -8.19 -23.46 11.73
N LEU A 163 -9.18 -24.34 11.90
CA LEU A 163 -10.09 -24.35 13.06
C LEU A 163 -9.37 -24.82 14.33
N ASN A 164 -8.17 -25.42 14.26
CA ASN A 164 -7.41 -25.75 15.49
C ASN A 164 -6.36 -24.69 15.79
N VAL A 165 -6.40 -23.52 15.14
CA VAL A 165 -5.36 -22.47 15.36
C VAL A 165 -5.84 -21.57 16.49
N ASP A 166 -5.17 -21.63 17.64
CA ASP A 166 -5.47 -20.78 18.82
C ASP A 166 -5.28 -19.31 18.43
N GLY A 167 -6.31 -18.52 18.71
CA GLY A 167 -6.33 -17.06 18.48
C GLY A 167 -7.09 -16.71 17.22
N VAL A 168 -7.52 -17.68 16.41
CA VAL A 168 -8.60 -17.42 15.41
C VAL A 168 -9.93 -17.44 16.16
N ASP A 169 -10.54 -16.27 16.36
CA ASP A 169 -11.84 -16.15 17.09
C ASP A 169 -13.02 -16.52 16.18
N GLY A 170 -12.90 -16.38 14.86
CA GLY A 170 -14.08 -16.51 13.98
C GLY A 170 -13.65 -16.88 12.58
N ILE A 171 -14.45 -17.70 11.93
CA ILE A 171 -14.28 -17.98 10.50
C ILE A 171 -15.50 -17.44 9.78
N PHE A 172 -15.26 -16.57 8.82
CA PHE A 172 -16.27 -15.92 7.98
C PHE A 172 -16.25 -16.57 6.61
N ILE A 173 -17.41 -16.93 6.10
CA ILE A 173 -17.54 -17.57 4.77
C ILE A 173 -17.85 -16.45 3.80
N GLY A 174 -17.08 -16.37 2.71
CA GLY A 174 -17.30 -15.40 1.62
C GLY A 174 -18.07 -16.06 0.48
N PRO A 175 -19.40 -15.86 0.35
CA PRO A 175 -20.16 -16.60 -0.67
C PRO A 175 -19.79 -16.21 -2.11
N ALA A 176 -19.50 -14.93 -2.40
CA ALA A 176 -19.11 -14.49 -3.76
C ALA A 176 -17.79 -15.18 -4.16
N ASP A 177 -16.74 -15.07 -3.34
CA ASP A 177 -15.45 -15.69 -3.71
C ASP A 177 -15.65 -17.21 -3.76
N LEU A 178 -16.43 -17.79 -2.85
CA LEU A 178 -16.45 -19.26 -2.71
C LEU A 178 -17.22 -19.87 -3.90
N SER A 179 -18.37 -19.32 -4.25
CA SER A 179 -19.19 -19.76 -5.39
C SER A 179 -18.37 -19.64 -6.67
N ALA A 180 -17.67 -18.51 -6.86
CA ALA A 180 -16.74 -18.34 -8.01
C ALA A 180 -15.75 -19.51 -8.02
N ALA A 181 -15.06 -19.76 -6.91
CA ALA A 181 -14.00 -20.81 -6.82
C ALA A 181 -14.58 -22.20 -7.15
N LEU A 182 -15.86 -22.42 -6.86
CA LEU A 182 -16.53 -23.72 -7.06
C LEU A 182 -17.11 -23.82 -8.48
N GLY A 183 -16.95 -22.81 -9.35
CA GLY A 183 -17.43 -22.81 -10.74
C GLY A 183 -18.88 -22.33 -10.87
N TYR A 184 -19.43 -21.66 -9.85
CA TYR A 184 -20.82 -21.12 -9.81
C TYR A 184 -20.74 -19.61 -9.60
N ARG A 185 -19.82 -18.98 -10.33
CA ARG A 185 -19.58 -17.52 -10.19
C ARG A 185 -20.87 -16.73 -10.41
N GLY A 186 -21.20 -15.86 -9.46
CA GLY A 186 -22.43 -15.06 -9.43
C GLY A 186 -23.68 -15.85 -9.06
N ASN A 187 -23.55 -17.11 -8.60
CA ASN A 187 -24.73 -17.97 -8.30
C ASN A 187 -24.50 -18.72 -7.00
N PRO A 188 -24.23 -17.99 -5.90
CA PRO A 188 -24.03 -18.63 -4.60
C PRO A 188 -25.29 -19.36 -4.10
N GLY A 189 -26.46 -18.97 -4.60
CA GLY A 189 -27.78 -19.53 -4.24
C GLY A 189 -27.85 -21.02 -4.60
N HIS A 190 -26.97 -21.56 -5.47
CA HIS A 190 -27.06 -22.98 -5.92
C HIS A 190 -26.90 -23.94 -4.73
N GLU A 191 -27.71 -25.00 -4.76
CA GLU A 191 -27.71 -26.11 -3.76
C GLU A 191 -26.28 -26.62 -3.55
N PHE A 192 -25.52 -26.86 -4.60
CA PHE A 192 -24.11 -27.34 -4.50
C PHE A 192 -23.34 -26.41 -3.52
N VAL A 193 -23.43 -25.10 -3.74
CA VAL A 193 -22.73 -24.08 -2.91
C VAL A 193 -23.37 -24.05 -1.51
N GLN A 194 -24.71 -23.97 -1.42
CA GLN A 194 -25.41 -23.82 -0.11
C GLN A 194 -25.08 -25.00 0.82
N ASN A 195 -24.99 -26.22 0.27
CA ASN A 195 -24.76 -27.42 1.12
C ASN A 195 -23.34 -27.31 1.70
N ILE A 196 -22.37 -26.84 0.91
CA ILE A 196 -20.97 -26.64 1.40
C ILE A 196 -20.97 -25.56 2.47
N ILE A 197 -21.74 -24.49 2.30
CA ILE A 197 -21.76 -23.36 3.27
C ILE A 197 -22.31 -23.89 4.60
N VAL A 198 -23.40 -24.68 4.53
CA VAL A 198 -24.11 -25.15 5.75
C VAL A 198 -23.15 -26.06 6.52
N GLN A 199 -22.58 -27.08 5.87
CA GLN A 199 -21.61 -28.01 6.50
C GLN A 199 -20.43 -27.21 7.08
N THR A 200 -19.95 -26.18 6.37
CA THR A 200 -18.80 -25.34 6.79
C THR A 200 -19.17 -24.65 8.09
N ILE A 201 -20.37 -24.08 8.16
CA ILE A 201 -20.87 -23.35 9.37
C ILE A 201 -20.92 -24.36 10.54
N GLN A 202 -21.54 -25.52 10.33
CA GLN A 202 -21.66 -26.55 11.40
C GLN A 202 -20.28 -26.95 11.92
N LYS A 203 -19.27 -27.08 11.05
CA LYS A 203 -17.91 -27.51 11.47
C LYS A 203 -17.25 -26.38 12.26
N ILE A 204 -17.39 -25.14 11.78
CA ILE A 204 -16.86 -23.96 12.52
C ILE A 204 -17.41 -24.01 13.94
N ARG A 205 -18.73 -24.14 14.12
CA ARG A 205 -19.37 -24.10 15.47
C ARG A 205 -19.01 -25.37 16.25
N ALA A 206 -18.77 -26.54 15.63
CA ALA A 206 -18.39 -27.79 16.35
C ALA A 206 -16.97 -27.65 16.90
N ALA A 207 -16.10 -26.91 16.21
CA ALA A 207 -14.74 -26.65 16.73
C ALA A 207 -14.75 -25.49 17.75
N GLY A 208 -15.92 -24.96 18.15
CA GLY A 208 -16.03 -23.93 19.20
C GLY A 208 -15.55 -22.54 18.75
N LYS A 209 -15.51 -22.26 17.43
CA LYS A 209 -15.22 -20.90 16.93
C LYS A 209 -16.53 -20.27 16.49
N ALA A 210 -16.55 -18.94 16.40
CA ALA A 210 -17.66 -18.17 15.82
C ALA A 210 -17.66 -18.33 14.28
N ALA A 211 -18.84 -18.60 13.71
CA ALA A 211 -19.11 -18.65 12.26
C ALA A 211 -19.70 -17.30 11.86
N GLY A 212 -19.30 -16.79 10.71
CA GLY A 212 -19.87 -15.56 10.14
C GLY A 212 -20.14 -15.72 8.66
N ILE A 213 -20.96 -14.84 8.11
CA ILE A 213 -21.27 -14.81 6.66
C ILE A 213 -21.94 -13.48 6.34
N LEU A 214 -21.95 -13.14 5.05
CA LEU A 214 -22.75 -12.03 4.48
C LEU A 214 -23.77 -12.66 3.54
N SER A 215 -25.04 -12.32 3.70
CA SER A 215 -26.03 -12.47 2.62
C SER A 215 -26.98 -11.30 2.64
N ALA A 216 -27.14 -10.65 1.49
CA ALA A 216 -28.17 -9.62 1.22
C ALA A 216 -29.53 -10.29 0.96
N ASP A 217 -29.58 -11.59 0.73
CA ASP A 217 -30.87 -12.36 0.66
C ASP A 217 -31.38 -12.58 2.08
N GLU A 218 -32.54 -12.02 2.37
CA GLU A 218 -33.16 -12.05 3.71
C GLU A 218 -33.47 -13.49 4.08
N LYS A 219 -34.05 -14.27 3.17
CA LYS A 219 -34.37 -15.69 3.49
C LYS A 219 -33.07 -16.42 3.87
N LEU A 220 -31.98 -16.26 3.09
CA LEU A 220 -30.71 -16.99 3.38
C LEU A 220 -30.14 -16.51 4.72
N ALA A 221 -30.15 -15.20 4.97
CA ALA A 221 -29.66 -14.59 6.23
C ALA A 221 -30.37 -15.24 7.42
N LYS A 222 -31.70 -15.30 7.36
CA LYS A 222 -32.49 -15.88 8.48
C LYS A 222 -32.19 -17.37 8.61
N GLN A 223 -32.02 -18.08 7.51
CA GLN A 223 -31.64 -19.53 7.58
C GLN A 223 -30.29 -19.60 8.28
N TYR A 224 -29.30 -18.77 7.92
CA TYR A 224 -27.98 -18.85 8.60
C TYR A 224 -28.12 -18.54 10.09
N LEU A 225 -28.98 -17.59 10.46
CA LEU A 225 -29.25 -17.25 11.89
C LEU A 225 -29.89 -18.45 12.61
N GLU A 226 -30.76 -19.22 11.96
CA GLU A 226 -31.42 -20.40 12.62
C GLU A 226 -30.38 -21.48 12.88
N LEU A 227 -29.30 -21.54 12.08
CA LEU A 227 -28.18 -22.51 12.25
C LEU A 227 -27.28 -22.10 13.42
N GLY A 228 -27.43 -20.91 13.97
CA GLY A 228 -26.60 -20.44 15.09
C GLY A 228 -25.42 -19.64 14.63
N THR A 229 -25.36 -19.23 13.36
CA THR A 229 -24.22 -18.39 12.88
C THR A 229 -24.07 -17.15 13.78
N GLU A 230 -22.87 -16.90 14.29
CA GLU A 230 -22.65 -15.90 15.37
C GLU A 230 -22.64 -14.47 14.82
N PHE A 231 -22.11 -14.21 13.62
CA PHE A 231 -22.02 -12.84 13.03
C PHE A 231 -22.44 -12.90 11.56
N VAL A 232 -23.59 -12.31 11.29
CA VAL A 232 -24.27 -12.31 9.97
C VAL A 232 -24.41 -10.86 9.54
N ALA A 233 -23.73 -10.51 8.45
CA ALA A 233 -23.96 -9.25 7.73
C ALA A 233 -25.11 -9.51 6.77
N VAL A 234 -25.97 -8.54 6.66
CA VAL A 234 -27.36 -8.73 6.18
C VAL A 234 -27.62 -7.76 5.02
N GLY A 235 -26.64 -6.93 4.70
CA GLY A 235 -26.76 -5.91 3.65
C GLY A 235 -25.47 -5.11 3.42
N VAL A 236 -25.44 -4.31 2.36
CA VAL A 236 -24.26 -3.52 1.89
C VAL A 236 -24.74 -2.10 1.66
N ASP A 237 -24.06 -1.10 2.20
CA ASP A 237 -24.51 0.31 2.08
C ASP A 237 -24.60 0.68 0.59
N THR A 238 -23.60 0.41 -0.26
CA THR A 238 -23.66 0.76 -1.70
C THR A 238 -24.91 0.13 -2.36
N SER A 239 -25.19 -1.16 -2.12
CA SER A 239 -26.35 -1.89 -2.71
C SER A 239 -27.67 -1.29 -2.24
N LEU A 240 -27.79 -0.96 -0.95
CA LEU A 240 -29.01 -0.30 -0.41
C LEU A 240 -29.20 1.09 -1.01
N LEU A 241 -28.14 1.87 -1.18
CA LEU A 241 -28.24 3.23 -1.78
C LEU A 241 -28.76 3.12 -3.21
N MET A 242 -28.11 2.29 -4.03
CA MET A 242 -28.41 2.08 -5.46
C MET A 242 -29.83 1.53 -5.57
N LYS A 243 -30.12 0.45 -4.83
CA LYS A 243 -31.44 -0.23 -4.96
C LYS A 243 -32.54 0.75 -4.55
N SER A 244 -32.42 1.45 -3.43
CA SER A 244 -33.51 2.35 -2.96
C SER A 244 -33.70 3.46 -4.02
N MET A 245 -32.63 3.96 -4.64
CA MET A 245 -32.76 5.10 -5.59
C MET A 245 -33.42 4.61 -6.89
N LYS A 246 -33.14 3.36 -7.29
CA LYS A 246 -33.71 2.74 -8.50
C LYS A 246 -35.22 2.48 -8.28
N GLN A 247 -35.53 1.85 -7.15
CA GLN A 247 -36.94 1.57 -6.77
C GLN A 247 -37.71 2.89 -6.75
N LEU A 248 -37.16 3.93 -6.12
CA LEU A 248 -37.90 5.21 -6.04
C LEU A 248 -38.14 5.70 -7.47
N LEU A 249 -37.14 5.65 -8.35
CA LEU A 249 -37.30 6.22 -9.71
C LEU A 249 -38.35 5.45 -10.54
N SER A 250 -38.41 4.13 -10.43
CA SER A 250 -39.36 3.27 -11.20
C SER A 250 -40.83 3.63 -10.85
N LYS A 251 -41.09 4.25 -9.70
CA LYS A 251 -42.43 4.78 -9.30
C LYS A 251 -42.82 5.99 -10.16
N PHE A 252 -41.90 6.54 -10.94
CA PHE A 252 -42.16 7.72 -11.80
C PHE A 252 -41.65 7.53 -13.25
N LYS A 253 -40.94 6.44 -13.59
CA LYS A 253 -39.89 6.28 -14.64
C LYS A 253 -39.70 7.60 -15.42
N ASN B 3 -20.13 2.17 -24.02
CA ASN B 3 -20.50 2.46 -22.59
C ASN B 3 -19.32 2.06 -21.68
N THR B 4 -19.10 0.77 -21.38
CA THR B 4 -17.86 0.24 -20.74
C THR B 4 -17.18 -0.78 -21.67
N VAL B 5 -17.27 -0.54 -22.97
CA VAL B 5 -16.53 -1.28 -24.00
C VAL B 5 -15.10 -0.78 -23.84
N ASN B 6 -14.12 -1.67 -23.79
CA ASN B 6 -12.71 -1.22 -23.73
C ASN B 6 -12.26 -0.94 -25.16
N TYR B 7 -12.34 0.32 -25.57
CA TYR B 7 -12.03 0.76 -26.96
C TYR B 7 -10.53 0.73 -27.16
N PHE B 8 -9.72 0.94 -26.10
CA PHE B 8 -8.25 0.85 -26.19
C PHE B 8 -7.92 -0.60 -26.55
N LYS B 9 -8.59 -1.54 -25.90
CA LYS B 9 -8.36 -2.97 -26.14
C LYS B 9 -8.67 -3.32 -27.61
N GLN B 10 -9.84 -2.96 -28.13
CA GLN B 10 -10.25 -3.27 -29.54
C GLN B 10 -9.29 -2.63 -30.54
N LYS B 11 -8.94 -1.38 -30.33
CA LYS B 11 -8.04 -0.61 -31.20
C LYS B 11 -6.61 -1.17 -31.24
N LEU B 12 -6.14 -1.96 -30.28
CA LEU B 12 -4.82 -2.65 -30.41
C LEU B 12 -4.73 -3.44 -31.74
N LYS B 13 -5.84 -3.86 -32.35
CA LYS B 13 -5.84 -4.76 -33.53
C LYS B 13 -6.12 -3.92 -34.78
N THR B 14 -6.35 -2.63 -34.61
CA THR B 14 -7.18 -1.81 -35.52
C THR B 14 -6.44 -0.53 -35.90
N GLU B 15 -5.73 0.11 -34.99
CA GLU B 15 -5.08 1.38 -35.33
C GLU B 15 -3.91 1.65 -34.37
N GLN B 16 -3.20 2.74 -34.60
CA GLN B 16 -2.08 3.13 -33.73
C GLN B 16 -2.62 4.20 -32.79
N GLN B 17 -2.47 4.02 -31.47
CA GLN B 17 -3.11 4.86 -30.44
C GLN B 17 -2.05 5.77 -29.82
N ILE B 18 -2.29 7.08 -29.84
CA ILE B 18 -1.37 8.10 -29.31
C ILE B 18 -1.75 8.37 -27.86
N GLY B 19 -0.76 8.35 -26.97
CA GLY B 19 -0.96 8.39 -25.53
C GLY B 19 -0.33 9.60 -24.90
N MET B 20 -0.91 10.07 -23.78
CA MET B 20 -0.30 11.10 -22.90
C MET B 20 -0.09 10.49 -21.50
N TRP B 21 1.11 10.64 -20.93
CA TRP B 21 1.42 10.21 -19.53
C TRP B 21 0.82 11.22 -18.55
N VAL B 22 0.06 10.74 -17.59
CA VAL B 22 -0.59 11.60 -16.57
C VAL B 22 0.06 11.31 -15.21
N GLY B 23 0.97 12.18 -14.79
CA GLY B 23 1.60 12.12 -13.46
C GLY B 23 1.33 13.36 -12.61
N LEU B 24 0.33 14.18 -12.94
CA LEU B 24 -0.01 15.36 -12.07
C LEU B 24 -0.89 14.91 -10.88
N ALA B 25 -1.47 13.70 -10.95
CA ALA B 25 -1.94 12.90 -9.80
C ALA B 25 -3.15 13.55 -9.12
N ASP B 26 -4.04 14.15 -9.90
CA ASP B 26 -5.31 14.65 -9.34
C ASP B 26 -6.36 14.71 -10.45
N GLY B 27 -7.61 14.56 -10.04
CA GLY B 27 -8.78 14.63 -10.91
C GLY B 27 -8.80 15.83 -11.79
N TYR B 28 -8.41 17.01 -11.29
CA TYR B 28 -8.56 18.29 -12.04
C TYR B 28 -7.60 18.26 -13.23
N CYS B 29 -6.33 17.95 -13.00
CA CYS B 29 -5.28 17.80 -14.03
C CYS B 29 -5.61 16.71 -15.06
N ALA B 30 -6.13 15.56 -14.61
CA ALA B 30 -6.49 14.44 -15.50
C ALA B 30 -7.62 14.90 -16.44
N GLU B 31 -8.51 15.77 -15.97
CA GLU B 31 -9.62 16.30 -16.80
C GLU B 31 -9.07 17.22 -17.89
N ILE B 32 -8.12 18.07 -17.56
CA ILE B 32 -7.51 18.96 -18.57
C ILE B 32 -6.90 18.07 -19.68
N ALA B 33 -6.08 17.11 -19.30
CA ALA B 33 -5.47 16.16 -20.27
C ALA B 33 -6.59 15.49 -21.09
N ALA B 34 -7.70 15.16 -20.47
CA ALA B 34 -8.76 14.34 -21.11
C ALA B 34 -9.46 15.12 -22.23
N ASN B 35 -9.41 16.46 -22.19
CA ASN B 35 -10.03 17.37 -23.16
C ASN B 35 -9.22 17.49 -24.45
N VAL B 36 -7.98 17.02 -24.47
CA VAL B 36 -7.07 17.25 -25.64
C VAL B 36 -7.45 16.34 -26.82
N GLY B 37 -7.74 15.06 -26.59
CA GLY B 37 -8.09 14.12 -27.66
C GLY B 37 -7.09 12.99 -27.83
N TYR B 38 -6.22 12.72 -26.83
CA TYR B 38 -5.32 11.56 -26.86
C TYR B 38 -6.16 10.29 -26.92
N ASP B 39 -5.65 9.27 -27.62
CA ASP B 39 -6.34 7.96 -27.72
C ASP B 39 -6.38 7.35 -26.32
N TRP B 40 -5.29 7.54 -25.55
CA TRP B 40 -5.14 6.96 -24.20
C TRP B 40 -4.37 7.91 -23.26
N LEU B 41 -4.64 7.76 -21.98
CA LEU B 41 -4.03 8.53 -20.89
C LEU B 41 -3.51 7.50 -19.90
N LEU B 42 -2.23 7.60 -19.54
CA LEU B 42 -1.58 6.69 -18.58
C LEU B 42 -1.62 7.38 -17.21
N ILE B 43 -2.49 6.89 -16.34
CA ILE B 43 -2.51 7.28 -14.91
C ILE B 43 -1.38 6.51 -14.22
N ASP B 44 -0.33 7.21 -13.82
CA ASP B 44 0.91 6.53 -13.34
C ASP B 44 0.86 6.32 -11.83
N GLY B 45 0.61 5.08 -11.39
CA GLY B 45 0.65 4.69 -9.95
C GLY B 45 2.06 4.31 -9.53
N GLU B 46 2.99 4.26 -10.46
CA GLU B 46 4.35 3.80 -10.17
C GLU B 46 5.24 4.99 -9.89
N HIS B 47 5.17 6.05 -10.70
CA HIS B 47 6.16 7.15 -10.66
C HIS B 47 5.53 8.51 -10.36
N ALA B 48 4.23 8.57 -10.10
CA ALA B 48 3.57 9.80 -9.65
C ALA B 48 2.96 9.51 -8.29
N PRO B 49 2.73 10.52 -7.43
CA PRO B 49 2.25 10.27 -6.07
C PRO B 49 0.74 9.99 -6.08
N ASN B 50 0.37 8.80 -6.57
CA ASN B 50 -1.03 8.34 -6.66
C ASN B 50 -1.27 7.23 -5.63
N ASP B 51 -2.51 7.08 -5.19
CA ASP B 51 -2.99 5.87 -4.49
C ASP B 51 -4.30 5.49 -5.14
N VAL B 52 -4.97 4.49 -4.59
CA VAL B 52 -6.22 3.97 -5.17
C VAL B 52 -7.23 5.10 -5.26
N ARG B 53 -7.35 5.91 -4.21
CA ARG B 53 -8.38 6.97 -4.18
C ARG B 53 -8.07 8.06 -5.21
N SER B 54 -6.81 8.45 -5.41
CA SER B 54 -6.49 9.51 -6.40
C SER B 54 -6.67 8.97 -7.82
N ILE B 55 -6.44 7.67 -8.04
CA ILE B 55 -6.61 7.05 -9.39
C ILE B 55 -8.13 7.00 -9.66
N LEU B 56 -8.92 6.68 -8.65
CA LEU B 56 -10.40 6.69 -8.80
C LEU B 56 -10.80 8.08 -9.26
N ALA B 57 -10.38 9.12 -8.54
CA ALA B 57 -10.78 10.50 -8.88
C ALA B 57 -10.46 10.74 -10.36
N GLN B 58 -9.31 10.28 -10.82
CA GLN B 58 -8.82 10.55 -12.21
C GLN B 58 -9.60 9.67 -13.17
N LEU B 59 -9.96 8.44 -12.82
CA LEU B 59 -10.87 7.64 -13.70
C LEU B 59 -12.22 8.38 -13.84
N GLN B 60 -12.74 8.94 -12.75
CA GLN B 60 -14.06 9.63 -12.81
C GLN B 60 -13.99 10.87 -13.72
N SER B 61 -12.88 11.60 -13.67
CA SER B 61 -12.72 12.84 -14.50
C SER B 61 -12.75 12.46 -15.98
N ILE B 62 -11.95 11.45 -16.30
CA ILE B 62 -11.63 11.00 -17.68
C ILE B 62 -12.83 10.29 -18.31
N ALA B 63 -13.67 9.63 -17.47
CA ALA B 63 -14.84 8.83 -17.89
C ALA B 63 -15.78 9.61 -18.81
N ALA B 64 -15.90 10.94 -18.65
CA ALA B 64 -16.81 11.80 -19.43
C ALA B 64 -16.27 12.02 -20.84
N TYR B 65 -15.05 11.56 -21.14
CA TYR B 65 -14.32 11.97 -22.37
C TYR B 65 -13.97 10.73 -23.16
N PRO B 66 -13.80 10.84 -24.49
CA PRO B 66 -13.45 9.65 -25.28
C PRO B 66 -12.08 9.03 -24.95
N SER B 67 -11.10 9.79 -24.47
CA SER B 67 -9.76 9.24 -24.11
C SER B 67 -9.93 8.03 -23.17
N GLN B 68 -9.20 6.95 -23.46
CA GLN B 68 -9.27 5.68 -22.70
C GLN B 68 -8.19 5.71 -21.63
N ALA B 69 -8.53 5.28 -20.41
CA ALA B 69 -7.64 5.26 -19.24
C ALA B 69 -6.90 3.93 -19.18
N VAL B 70 -5.61 4.02 -18.91
CA VAL B 70 -4.70 2.89 -18.63
C VAL B 70 -4.05 3.26 -17.31
N VAL B 71 -4.02 2.31 -16.39
CA VAL B 71 -3.47 2.54 -15.03
C VAL B 71 -2.21 1.71 -14.88
N ARG B 72 -1.11 2.35 -14.52
CA ARG B 72 0.10 1.59 -14.15
C ARG B 72 0.17 1.44 -12.64
N PRO B 73 0.03 0.25 -12.05
CA PRO B 73 0.31 0.10 -10.62
C PRO B 73 1.81 0.18 -10.30
N VAL B 74 2.11 0.50 -9.04
CA VAL B 74 3.51 0.61 -8.53
C VAL B 74 4.28 -0.70 -8.79
N SER B 75 3.62 -1.88 -8.75
CA SER B 75 4.22 -3.20 -9.07
C SER B 75 3.12 -4.20 -9.40
N GLY B 76 3.50 -5.39 -9.85
CA GLY B 76 2.58 -6.50 -10.14
C GLY B 76 2.08 -7.16 -8.86
N ASP B 77 1.49 -6.36 -7.99
CA ASP B 77 0.96 -6.80 -6.69
C ASP B 77 -0.48 -7.26 -6.91
N VAL B 78 -0.80 -8.53 -6.60
CA VAL B 78 -2.11 -9.13 -6.94
C VAL B 78 -3.22 -8.40 -6.17
N PRO B 79 -3.11 -8.16 -4.84
CA PRO B 79 -4.15 -7.38 -4.17
C PRO B 79 -4.37 -5.98 -4.73
N LEU B 80 -3.31 -5.27 -5.13
CA LEU B 80 -3.42 -3.87 -5.68
C LEU B 80 -4.11 -3.96 -7.05
N ILE B 81 -3.85 -5.03 -7.80
CA ILE B 81 -4.50 -5.21 -9.13
C ILE B 81 -5.99 -5.42 -8.87
N LYS B 82 -6.33 -6.25 -7.89
CA LYS B 82 -7.75 -6.42 -7.46
C LYS B 82 -8.38 -5.05 -7.19
N GLN B 83 -7.78 -4.22 -6.36
CA GLN B 83 -8.34 -2.89 -6.03
C GLN B 83 -8.54 -2.04 -7.29
N LEU B 84 -7.57 -2.01 -8.21
CA LEU B 84 -7.61 -1.06 -9.35
C LEU B 84 -8.68 -1.55 -10.32
N LEU B 85 -8.82 -2.85 -10.49
CA LEU B 85 -9.92 -3.41 -11.31
C LEU B 85 -11.28 -3.05 -10.71
N ASP B 86 -11.42 -3.08 -9.39
CA ASP B 86 -12.75 -2.82 -8.77
C ASP B 86 -13.13 -1.33 -8.89
N ILE B 87 -12.19 -0.40 -8.87
CA ILE B 87 -12.56 1.02 -9.07
C ILE B 87 -12.80 1.27 -10.55
N GLY B 88 -12.57 0.28 -11.43
CA GLY B 88 -13.12 0.33 -12.80
C GLY B 88 -12.06 0.53 -13.88
N ALA B 89 -10.76 0.60 -13.53
CA ALA B 89 -9.61 0.54 -14.46
C ALA B 89 -9.72 -0.73 -15.33
N GLN B 90 -9.92 -0.57 -16.63
CA GLN B 90 -10.12 -1.70 -17.58
C GLN B 90 -8.82 -2.10 -18.26
N THR B 91 -7.83 -1.22 -18.25
CA THR B 91 -6.52 -1.52 -18.87
C THR B 91 -5.43 -1.22 -17.85
N LEU B 92 -4.61 -2.22 -17.57
CA LEU B 92 -3.45 -2.10 -16.67
C LEU B 92 -2.17 -2.31 -17.43
N LEU B 93 -1.16 -1.56 -17.01
CA LEU B 93 0.25 -1.68 -17.45
C LEU B 93 1.10 -2.05 -16.23
N ILE B 94 1.60 -3.28 -16.22
CA ILE B 94 2.38 -3.83 -15.09
C ILE B 94 3.86 -3.55 -15.36
N PRO B 95 4.54 -2.82 -14.47
CA PRO B 95 5.97 -2.59 -14.60
C PRO B 95 6.81 -3.83 -14.31
N MET B 96 7.97 -3.87 -14.97
CA MET B 96 9.14 -4.69 -14.54
C MET B 96 8.73 -6.16 -14.55
N VAL B 97 8.12 -6.60 -15.64
CA VAL B 97 7.72 -8.03 -15.77
C VAL B 97 8.90 -8.79 -16.37
N GLU B 98 9.27 -9.91 -15.77
CA GLU B 98 10.59 -10.53 -15.97
C GLU B 98 10.49 -12.03 -16.25
N SER B 99 9.31 -12.61 -16.35
CA SER B 99 9.20 -14.05 -16.70
C SER B 99 7.79 -14.42 -17.15
N ALA B 100 7.67 -15.52 -17.89
CA ALA B 100 6.37 -16.07 -18.32
C ALA B 100 5.50 -16.33 -17.08
N GLU B 101 6.10 -16.85 -16.00
CA GLU B 101 5.42 -17.18 -14.74
C GLU B 101 4.86 -15.88 -14.14
N GLN B 102 5.63 -14.80 -14.10
CA GLN B 102 5.10 -13.54 -13.56
C GLN B 102 3.98 -13.05 -14.48
N ALA B 103 4.11 -13.13 -15.80
CA ALA B 103 3.07 -12.62 -16.72
C ALA B 103 1.78 -13.45 -16.55
N GLU B 104 1.93 -14.75 -16.40
CA GLU B 104 0.77 -15.67 -16.16
C GLU B 104 0.11 -15.30 -14.82
N LEU B 105 0.86 -14.96 -13.79
CA LEU B 105 0.26 -14.54 -12.49
C LEU B 105 -0.59 -13.30 -12.74
N MET B 106 -0.10 -12.34 -13.53
CA MET B 106 -0.79 -11.08 -13.87
C MET B 106 -2.06 -11.37 -14.69
N VAL B 107 -2.01 -12.31 -15.64
CA VAL B 107 -3.25 -12.69 -16.39
C VAL B 107 -4.28 -13.16 -15.36
N LYS B 108 -3.89 -14.09 -14.48
CA LYS B 108 -4.77 -14.66 -13.45
C LYS B 108 -5.29 -13.57 -12.51
N ALA B 109 -4.44 -12.59 -12.18
CA ALA B 109 -4.80 -11.48 -11.28
C ALA B 109 -5.96 -10.70 -11.92
N THR B 110 -6.13 -10.71 -13.24
CA THR B 110 -7.15 -9.90 -13.93
C THR B 110 -8.41 -10.71 -14.25
N ARG B 111 -8.48 -11.98 -13.86
CA ARG B 111 -9.62 -12.86 -14.22
C ARG B 111 -10.21 -13.51 -12.96
N TYR B 112 -11.53 -13.66 -12.94
CA TYR B 112 -12.28 -14.22 -11.79
C TYR B 112 -12.03 -15.71 -11.68
N PRO B 113 -12.16 -16.30 -10.49
CA PRO B 113 -12.14 -17.75 -10.38
C PRO B 113 -13.32 -18.27 -11.18
N PRO B 114 -13.27 -19.56 -11.61
CA PRO B 114 -12.18 -20.48 -11.26
C PRO B 114 -10.90 -20.41 -12.12
N GLU B 115 -10.92 -19.72 -13.26
CA GLU B 115 -9.76 -19.57 -14.21
C GLU B 115 -8.68 -18.63 -13.64
N GLY B 116 -9.03 -17.59 -12.87
CA GLY B 116 -8.09 -16.60 -12.31
C GLY B 116 -8.22 -16.45 -10.81
N ILE B 117 -7.62 -15.41 -10.24
CA ILE B 117 -7.56 -15.18 -8.77
C ILE B 117 -7.98 -13.75 -8.42
N ARG B 118 -8.64 -13.06 -9.34
CA ARG B 118 -9.26 -11.76 -9.06
C ARG B 118 -10.33 -11.98 -7.96
N GLY B 119 -10.14 -11.32 -6.82
CA GLY B 119 -11.16 -11.27 -5.75
C GLY B 119 -12.49 -10.75 -6.26
N VAL B 120 -13.58 -11.40 -5.85
CA VAL B 120 -14.98 -11.15 -6.27
C VAL B 120 -15.67 -10.23 -5.25
N GLY B 121 -16.06 -9.04 -5.67
CA GLY B 121 -16.73 -8.08 -4.78
C GLY B 121 -17.49 -7.05 -5.58
N ALA B 122 -18.28 -7.52 -6.56
CA ALA B 122 -18.96 -6.74 -7.62
C ALA B 122 -20.00 -5.76 -7.05
N ALA B 123 -20.66 -6.09 -5.94
CA ALA B 123 -21.68 -5.25 -5.28
C ALA B 123 -21.08 -3.90 -4.91
N LEU B 124 -19.80 -3.89 -4.53
CA LEU B 124 -19.07 -2.73 -3.96
C LEU B 124 -18.33 -1.93 -5.04
N ALA B 125 -18.23 -2.44 -6.27
CA ALA B 125 -17.26 -1.97 -7.29
C ALA B 125 -17.90 -0.94 -8.22
N ARG B 126 -17.21 0.18 -8.45
CA ARG B 126 -17.44 0.99 -9.64
C ARG B 126 -17.27 0.13 -10.90
N ALA B 127 -16.38 -0.87 -10.95
CA ALA B 127 -16.23 -1.72 -12.15
C ALA B 127 -17.60 -2.25 -12.65
N SER B 128 -18.49 -2.62 -11.74
CA SER B 128 -19.83 -3.20 -12.08
C SER B 128 -20.91 -2.12 -12.04
N ARG B 129 -20.51 -0.87 -11.87
CA ARG B 129 -21.40 0.22 -11.41
C ARG B 129 -22.31 -0.29 -10.30
N TRP B 130 -21.76 -0.93 -9.28
CA TRP B 130 -22.51 -1.38 -8.06
C TRP B 130 -23.68 -2.30 -8.48
N ASN B 131 -23.37 -3.28 -9.34
CA ASN B 131 -24.25 -4.32 -9.94
C ASN B 131 -25.30 -3.72 -10.88
N ASN B 132 -25.14 -2.45 -11.27
CA ASN B 132 -26.02 -1.82 -12.29
C ASN B 132 -25.67 -2.36 -13.69
N ILE B 133 -24.47 -2.87 -13.91
CA ILE B 133 -24.18 -3.78 -15.07
C ILE B 133 -24.54 -5.22 -14.66
N SER B 134 -25.64 -5.74 -15.22
CA SER B 134 -26.39 -6.93 -14.70
C SER B 134 -25.52 -8.19 -14.74
N ASP B 135 -24.76 -8.39 -15.82
CA ASP B 135 -24.04 -9.67 -16.11
C ASP B 135 -22.54 -9.44 -15.92
N TYR B 136 -22.17 -8.47 -15.09
CA TYR B 136 -20.75 -8.06 -14.92
C TYR B 136 -19.85 -9.28 -14.69
N LEU B 137 -20.21 -10.13 -13.73
CA LEU B 137 -19.39 -11.30 -13.34
C LEU B 137 -19.19 -12.25 -14.53
N GLN B 138 -20.10 -12.29 -15.50
CA GLN B 138 -19.97 -13.19 -16.68
C GLN B 138 -19.13 -12.51 -17.79
N THR B 139 -19.12 -11.17 -17.89
CA THR B 139 -18.62 -10.42 -19.08
C THR B 139 -17.39 -9.55 -18.77
N ALA B 140 -16.99 -9.39 -17.52
CA ALA B 140 -15.94 -8.42 -17.13
C ALA B 140 -14.65 -8.70 -17.92
N ASP B 141 -14.24 -9.96 -17.91
CA ASP B 141 -12.98 -10.43 -18.53
C ASP B 141 -12.90 -9.92 -20.00
N GLU B 142 -13.96 -10.00 -20.79
CA GLU B 142 -13.95 -9.61 -22.23
C GLU B 142 -13.38 -8.19 -22.40
N GLN B 143 -13.61 -7.26 -21.44
CA GLN B 143 -13.22 -5.82 -21.58
C GLN B 143 -12.00 -5.46 -20.70
N ILE B 144 -11.33 -6.44 -20.11
CA ILE B 144 -10.04 -6.23 -19.36
C ILE B 144 -8.90 -6.45 -20.37
N CYS B 145 -7.96 -5.50 -20.39
CA CYS B 145 -6.75 -5.48 -21.23
C CYS B 145 -5.52 -5.51 -20.34
N LEU B 146 -4.65 -6.51 -20.49
CA LEU B 146 -3.41 -6.59 -19.67
C LEU B 146 -2.18 -6.29 -20.54
N LEU B 147 -1.47 -5.21 -20.21
CA LEU B 147 -0.19 -4.90 -20.84
C LEU B 147 0.88 -5.17 -19.79
N VAL B 148 2.04 -5.69 -20.20
CA VAL B 148 3.20 -5.86 -19.29
C VAL B 148 4.37 -5.07 -19.87
N GLN B 149 5.21 -4.54 -18.99
CA GLN B 149 6.46 -3.85 -19.38
C GLN B 149 7.62 -4.84 -19.40
N VAL B 150 8.37 -4.83 -20.49
CA VAL B 150 9.76 -5.34 -20.55
C VAL B 150 10.74 -4.17 -20.48
N GLU B 151 11.58 -4.19 -19.46
CA GLU B 151 12.36 -2.97 -19.16
C GLU B 151 13.54 -3.32 -18.27
N SER B 152 14.01 -4.56 -18.40
CA SER B 152 15.18 -5.11 -17.69
C SER B 152 15.81 -6.21 -18.58
N LYS B 153 17.07 -6.54 -18.28
CA LYS B 153 17.87 -7.62 -18.91
C LYS B 153 17.11 -8.93 -18.74
N LYS B 154 16.63 -9.20 -17.53
CA LYS B 154 15.85 -10.44 -17.29
C LYS B 154 14.55 -10.45 -18.12
N GLY B 155 13.87 -9.33 -18.23
CA GLY B 155 12.71 -9.24 -19.12
C GLY B 155 13.07 -9.56 -20.54
N LEU B 156 14.15 -8.99 -21.09
CA LEU B 156 14.61 -9.32 -22.46
C LEU B 156 15.02 -10.79 -22.53
N ASP B 157 15.60 -11.33 -21.47
CA ASP B 157 16.01 -12.75 -21.36
C ASP B 157 14.81 -13.71 -21.35
N ASN B 158 13.58 -13.23 -21.12
CA ASN B 158 12.37 -14.07 -21.03
C ASN B 158 11.33 -13.58 -22.01
N LEU B 159 11.75 -12.83 -23.02
CA LEU B 159 10.83 -12.14 -23.97
C LEU B 159 9.98 -13.17 -24.74
N ASP B 160 10.61 -14.13 -25.44
CA ASP B 160 9.86 -15.17 -26.23
C ASP B 160 8.87 -15.88 -25.33
N GLU B 161 9.24 -16.17 -24.09
CA GLU B 161 8.38 -16.88 -23.10
C GLU B 161 7.22 -15.95 -22.71
N ILE B 162 7.49 -14.68 -22.41
CA ILE B 162 6.38 -13.74 -22.07
C ILE B 162 5.44 -13.61 -23.28
N LEU B 163 5.98 -13.62 -24.50
CA LEU B 163 5.18 -13.39 -25.73
C LEU B 163 4.30 -14.62 -26.05
N ASN B 164 4.51 -15.78 -25.41
CA ASN B 164 3.62 -16.94 -25.64
C ASN B 164 2.62 -17.09 -24.50
N VAL B 165 2.48 -16.08 -23.62
CA VAL B 165 1.49 -16.15 -22.50
C VAL B 165 0.17 -15.60 -23.02
N ASP B 166 -0.86 -16.48 -23.08
CA ASP B 166 -2.25 -16.12 -23.47
C ASP B 166 -2.83 -15.19 -22.41
N GLY B 167 -3.33 -14.05 -22.85
CA GLY B 167 -4.01 -13.04 -22.03
C GLY B 167 -3.12 -11.85 -21.80
N VAL B 168 -1.84 -11.92 -22.19
CA VAL B 168 -1.03 -10.69 -22.36
C VAL B 168 -1.41 -10.04 -23.71
N ASP B 169 -2.07 -8.89 -23.68
CA ASP B 169 -2.53 -8.20 -24.91
C ASP B 169 -1.38 -7.35 -25.49
N GLY B 170 -0.39 -6.96 -24.71
CA GLY B 170 0.58 -5.97 -25.20
C GLY B 170 1.80 -5.97 -24.32
N ILE B 171 2.95 -5.77 -24.95
CA ILE B 171 4.23 -5.59 -24.26
C ILE B 171 4.69 -4.15 -24.53
N PHE B 172 4.91 -3.41 -23.45
CA PHE B 172 5.36 -2.00 -23.45
C PHE B 172 6.83 -1.95 -23.04
N ILE B 173 7.61 -1.22 -23.80
CA ILE B 173 9.07 -1.10 -23.54
C ILE B 173 9.25 0.17 -22.74
N GLY B 174 9.94 0.09 -21.59
CA GLY B 174 10.28 1.26 -20.75
C GLY B 174 11.70 1.74 -21.05
N PRO B 175 11.92 2.81 -21.86
CA PRO B 175 13.29 3.17 -22.27
C PRO B 175 14.15 3.67 -21.10
N ALA B 176 13.59 4.40 -20.14
CA ALA B 176 14.32 4.85 -18.93
C ALA B 176 14.80 3.62 -18.15
N ASP B 177 13.92 2.69 -17.79
CA ASP B 177 14.36 1.54 -16.99
C ASP B 177 15.32 0.71 -17.84
N LEU B 178 15.09 0.56 -19.13
CA LEU B 178 15.84 -0.45 -19.94
C LEU B 178 17.26 0.09 -20.19
N SER B 179 17.37 1.36 -20.54
CA SER B 179 18.66 2.03 -20.81
C SER B 179 19.49 1.99 -19.53
N ALA B 180 18.89 2.20 -18.36
CA ALA B 180 19.62 2.10 -17.07
C ALA B 180 20.11 0.66 -16.89
N ALA B 181 19.26 -0.33 -17.08
CA ALA B 181 19.63 -1.76 -16.90
C ALA B 181 20.77 -2.15 -17.86
N LEU B 182 20.87 -1.49 -18.99
CA LEU B 182 21.85 -1.80 -20.04
C LEU B 182 23.14 -1.00 -19.80
N GLY B 183 23.23 -0.20 -18.73
CA GLY B 183 24.42 0.62 -18.37
C GLY B 183 24.47 1.95 -19.11
N TYR B 184 23.35 2.42 -19.66
CA TYR B 184 23.24 3.70 -20.41
C TYR B 184 22.19 4.57 -19.72
N ARG B 185 22.29 4.64 -18.41
CA ARG B 185 21.30 5.37 -17.60
C ARG B 185 21.24 6.84 -18.04
N GLY B 186 20.04 7.35 -18.30
CA GLY B 186 19.83 8.73 -18.77
C GLY B 186 20.06 8.90 -20.27
N ASN B 187 20.39 7.84 -21.02
CA ASN B 187 20.84 7.94 -22.44
C ASN B 187 20.22 6.84 -23.28
N PRO B 188 18.89 6.71 -23.32
CA PRO B 188 18.23 5.71 -24.17
C PRO B 188 18.40 5.95 -25.67
N GLY B 189 18.68 7.20 -26.08
CA GLY B 189 18.97 7.63 -27.46
C GLY B 189 20.18 6.93 -28.06
N HIS B 190 21.06 6.29 -27.26
CA HIS B 190 22.23 5.51 -27.76
C HIS B 190 21.80 4.36 -28.70
N GLU B 191 22.57 4.17 -29.76
CA GLU B 191 22.33 3.17 -30.80
C GLU B 191 22.24 1.76 -30.17
N PHE B 192 23.10 1.42 -29.22
CA PHE B 192 23.05 0.11 -28.52
C PHE B 192 21.62 -0.14 -28.00
N VAL B 193 21.06 0.85 -27.31
CA VAL B 193 19.70 0.75 -26.70
C VAL B 193 18.67 0.73 -27.83
N GLN B 194 18.75 1.68 -28.77
CA GLN B 194 17.74 1.81 -29.85
C GLN B 194 17.65 0.50 -30.65
N ASN B 195 18.77 -0.16 -30.95
CA ASN B 195 18.77 -1.37 -31.80
C ASN B 195 18.04 -2.47 -31.03
N ILE B 196 18.24 -2.58 -29.71
CA ILE B 196 17.53 -3.57 -28.84
C ILE B 196 16.04 -3.23 -28.80
N ILE B 197 15.69 -1.95 -28.73
CA ILE B 197 14.26 -1.53 -28.67
C ILE B 197 13.57 -1.94 -29.97
N VAL B 198 14.17 -1.61 -31.11
CA VAL B 198 13.58 -1.86 -32.46
C VAL B 198 13.43 -3.38 -32.62
N GLN B 199 14.44 -4.18 -32.29
CA GLN B 199 14.37 -5.66 -32.42
C GLN B 199 13.23 -6.18 -31.53
N THR B 200 13.10 -5.60 -30.31
CA THR B 200 12.10 -6.00 -29.30
C THR B 200 10.73 -5.71 -29.88
N ILE B 201 10.52 -4.54 -30.45
CA ILE B 201 9.22 -4.18 -31.08
C ILE B 201 8.89 -5.22 -32.17
N GLN B 202 9.81 -5.51 -33.08
CA GLN B 202 9.58 -6.48 -34.20
C GLN B 202 9.18 -7.83 -33.61
N LYS B 203 9.86 -8.31 -32.55
CA LYS B 203 9.56 -9.67 -32.01
C LYS B 203 8.17 -9.64 -31.38
N ILE B 204 7.81 -8.53 -30.68
CA ILE B 204 6.47 -8.38 -30.07
C ILE B 204 5.40 -8.50 -31.17
N ARG B 205 5.51 -7.76 -32.26
CA ARG B 205 4.51 -7.75 -33.36
C ARG B 205 4.55 -9.09 -34.13
N ALA B 206 5.70 -9.78 -34.25
CA ALA B 206 5.78 -11.12 -34.92
C ALA B 206 5.08 -12.18 -34.07
N ALA B 207 5.00 -12.00 -32.76
CA ALA B 207 4.27 -12.96 -31.90
C ALA B 207 2.77 -12.61 -31.82
N GLY B 208 2.28 -11.66 -32.64
CA GLY B 208 0.86 -11.26 -32.69
C GLY B 208 0.40 -10.44 -31.48
N LYS B 209 1.31 -9.85 -30.70
CA LYS B 209 0.87 -9.00 -29.55
C LYS B 209 1.03 -7.55 -29.96
N ALA B 210 0.36 -6.64 -29.26
CA ALA B 210 0.57 -5.19 -29.42
C ALA B 210 1.89 -4.74 -28.77
N ALA B 211 2.64 -3.85 -29.43
CA ALA B 211 3.89 -3.28 -28.93
C ALA B 211 3.56 -1.84 -28.50
N GLY B 212 4.10 -1.41 -27.37
CA GLY B 212 3.95 -0.01 -26.91
C GLY B 212 5.25 0.56 -26.41
N ILE B 213 5.34 1.88 -26.27
CA ILE B 213 6.53 2.59 -25.80
C ILE B 213 6.13 4.03 -25.47
N LEU B 214 6.95 4.68 -24.66
CA LEU B 214 6.88 6.14 -24.42
C LEU B 214 8.14 6.76 -25.02
N SER B 215 8.02 7.81 -25.82
CA SER B 215 9.14 8.74 -26.07
C SER B 215 8.61 10.17 -26.23
N ALA B 216 9.11 11.07 -25.41
CA ALA B 216 8.94 12.53 -25.51
C ALA B 216 9.75 13.08 -26.70
N ASP B 217 10.66 12.30 -27.26
CA ASP B 217 11.40 12.71 -28.49
C ASP B 217 10.51 12.44 -29.70
N GLU B 218 10.15 13.51 -30.38
CA GLU B 218 9.17 13.50 -31.48
C GLU B 218 9.70 12.62 -32.61
N LYS B 219 10.98 12.75 -32.94
CA LYS B 219 11.60 11.97 -34.05
C LYS B 219 11.54 10.47 -33.68
N LEU B 220 11.91 10.09 -32.44
CA LEU B 220 11.92 8.66 -32.05
C LEU B 220 10.48 8.12 -32.06
N ALA B 221 9.52 8.91 -31.58
CA ALA B 221 8.08 8.55 -31.51
C ALA B 221 7.54 8.24 -32.92
N LYS B 222 7.79 9.16 -33.87
CA LYS B 222 7.40 8.95 -35.29
C LYS B 222 8.08 7.69 -35.86
N GLN B 223 9.34 7.45 -35.52
CA GLN B 223 10.07 6.26 -36.03
C GLN B 223 9.39 5.01 -35.44
N TYR B 224 9.01 5.01 -34.15
CA TYR B 224 8.31 3.85 -33.53
C TYR B 224 6.97 3.64 -34.22
N LEU B 225 6.26 4.71 -34.56
CA LEU B 225 4.98 4.63 -35.32
C LEU B 225 5.20 4.03 -36.71
N GLU B 226 6.33 4.32 -37.38
CA GLU B 226 6.59 3.78 -38.76
C GLU B 226 6.87 2.26 -38.68
N LEU B 227 7.37 1.78 -37.54
CA LEU B 227 7.61 0.33 -37.25
C LEU B 227 6.27 -0.40 -37.06
N GLY B 228 5.18 0.32 -36.83
CA GLY B 228 3.85 -0.27 -36.61
C GLY B 228 3.55 -0.41 -35.13
N THR B 229 4.34 0.21 -34.25
CA THR B 229 4.08 0.14 -32.77
C THR B 229 2.62 0.55 -32.50
N GLU B 230 1.87 -0.29 -31.77
CA GLU B 230 0.40 -0.11 -31.68
C GLU B 230 0.01 0.99 -30.66
N PHE B 231 0.75 1.20 -29.58
CA PHE B 231 0.41 2.23 -28.54
C PHE B 231 1.67 3.00 -28.16
N VAL B 232 1.70 4.25 -28.54
CA VAL B 232 2.88 5.15 -28.40
C VAL B 232 2.44 6.33 -27.57
N ALA B 233 3.02 6.45 -26.38
CA ALA B 233 2.90 7.66 -25.54
C ALA B 233 4.01 8.59 -26.00
N VAL B 234 3.68 9.86 -26.08
CA VAL B 234 4.38 10.84 -26.93
C VAL B 234 4.78 12.06 -26.09
N GLY B 235 4.38 12.08 -24.83
CA GLY B 235 4.73 13.16 -23.87
C GLY B 235 4.24 12.85 -22.45
N VAL B 236 4.50 13.76 -21.54
CA VAL B 236 4.28 13.58 -20.09
C VAL B 236 3.76 14.92 -19.58
N ASP B 237 2.65 14.95 -18.87
CA ASP B 237 2.03 16.21 -18.39
C ASP B 237 3.04 16.99 -17.54
N THR B 238 3.72 16.41 -16.54
CA THR B 238 4.69 17.17 -15.71
C THR B 238 5.79 17.82 -16.58
N SER B 239 6.39 17.08 -17.53
CA SER B 239 7.43 17.59 -18.48
C SER B 239 6.88 18.72 -19.33
N LEU B 240 5.67 18.59 -19.89
CA LEU B 240 5.06 19.65 -20.72
C LEU B 240 4.75 20.90 -19.88
N LEU B 241 4.29 20.75 -18.64
CA LEU B 241 3.99 21.95 -17.81
C LEU B 241 5.31 22.67 -17.48
N MET B 242 6.31 21.96 -17.00
CA MET B 242 7.64 22.52 -16.63
C MET B 242 8.25 23.16 -17.88
N LYS B 243 8.33 22.43 -18.98
CA LYS B 243 9.05 22.90 -20.20
C LYS B 243 8.36 24.18 -20.69
N SER B 244 7.03 24.19 -20.82
CA SER B 244 6.32 25.38 -21.40
C SER B 244 6.50 26.59 -20.46
N MET B 245 6.52 26.39 -19.13
CA MET B 245 6.64 27.52 -18.18
C MET B 245 8.07 28.07 -18.26
N LYS B 246 9.06 27.21 -18.44
CA LYS B 246 10.50 27.59 -18.58
C LYS B 246 10.70 28.39 -19.88
N GLN B 247 10.19 27.84 -20.97
CA GLN B 247 10.29 28.45 -22.32
C GLN B 247 9.64 29.84 -22.25
N LEU B 248 8.46 29.92 -21.64
CA LEU B 248 7.77 31.22 -21.56
C LEU B 248 8.66 32.17 -20.79
N LEU B 249 9.22 31.75 -19.66
CA LEU B 249 10.01 32.69 -18.82
C LEU B 249 11.26 33.19 -19.56
N SER B 250 11.94 32.32 -20.31
CA SER B 250 13.21 32.66 -21.03
C SER B 250 12.97 33.80 -22.04
N LYS B 251 11.75 34.05 -22.52
CA LYS B 251 11.41 35.17 -23.44
C LYS B 251 11.40 36.52 -22.72
N PHE B 252 11.48 36.52 -21.38
CA PHE B 252 11.57 37.77 -20.58
C PHE B 252 12.76 37.76 -19.60
N LYS B 253 13.39 36.60 -19.38
CA LYS B 253 14.20 36.19 -18.19
C LYS B 253 14.02 37.19 -17.03
N ASN C 3 20.94 23.08 -1.51
CA ASN C 3 19.65 23.19 -2.31
C ASN C 3 18.96 21.82 -2.36
N THR C 4 19.64 20.75 -2.79
CA THR C 4 19.22 19.34 -2.55
C THR C 4 20.42 18.52 -2.04
N VAL C 5 21.34 19.18 -1.34
CA VAL C 5 22.47 18.52 -0.63
C VAL C 5 21.84 17.85 0.60
N ASN C 6 22.14 16.56 0.82
CA ASN C 6 21.68 15.86 2.04
C ASN C 6 22.64 16.23 3.21
N TYR C 7 22.28 17.29 3.94
CA TYR C 7 23.06 17.80 5.09
C TYR C 7 22.99 16.79 6.23
N PHE C 8 21.91 16.01 6.36
CA PHE C 8 21.81 15.01 7.45
C PHE C 8 22.88 13.97 7.19
N LYS C 9 23.01 13.57 5.94
CA LYS C 9 24.02 12.55 5.56
C LYS C 9 25.45 13.06 5.85
N GLN C 10 25.77 14.28 5.47
CA GLN C 10 27.12 14.86 5.70
C GLN C 10 27.38 14.96 7.19
N LYS C 11 26.41 15.47 7.94
CA LYS C 11 26.56 15.66 9.40
C LYS C 11 26.69 14.30 10.13
N LEU C 12 26.37 13.15 9.55
CA LEU C 12 26.65 11.85 10.22
C LEU C 12 28.15 11.70 10.58
N LYS C 13 29.08 12.36 9.88
CA LYS C 13 30.53 12.17 10.09
C LYS C 13 31.10 13.35 10.88
N THR C 14 30.24 14.28 11.29
CA THR C 14 30.64 15.68 11.56
C THR C 14 30.08 16.14 12.90
N GLU C 15 28.85 15.80 13.25
CA GLU C 15 28.29 16.25 14.54
C GLU C 15 27.18 15.31 14.99
N GLN C 16 26.61 15.63 16.15
CA GLN C 16 25.50 14.87 16.77
C GLN C 16 24.22 15.64 16.42
N GLN C 17 23.27 14.95 15.82
CA GLN C 17 22.07 15.56 15.22
C GLN C 17 20.88 15.22 16.10
N ILE C 18 20.19 16.24 16.60
CA ILE C 18 19.05 16.13 17.53
C ILE C 18 17.76 16.09 16.71
N GLY C 19 16.93 15.09 16.98
CA GLY C 19 15.78 14.76 16.14
C GLY C 19 14.47 14.92 16.85
N MET C 20 13.41 15.15 16.09
CA MET C 20 12.01 15.15 16.60
C MET C 20 11.20 14.15 15.78
N TRP C 21 10.40 13.29 16.43
CA TRP C 21 9.52 12.32 15.75
C TRP C 21 8.25 13.02 15.30
N VAL C 22 7.89 12.88 14.05
CA VAL C 22 6.68 13.56 13.50
C VAL C 22 5.65 12.48 13.17
N GLY C 23 4.67 12.30 14.07
CA GLY C 23 3.55 11.37 13.84
C GLY C 23 2.20 12.04 13.80
N LEU C 24 2.15 13.38 13.62
CA LEU C 24 0.83 14.07 13.53
C LEU C 24 0.27 13.97 12.11
N ALA C 25 1.08 13.58 11.12
CA ALA C 25 0.65 12.98 9.82
C ALA C 25 -0.03 14.01 8.91
N ASP C 26 0.42 15.26 8.94
CA ASP C 26 -0.21 16.33 8.11
C ASP C 26 0.84 17.45 7.88
N GLY C 27 0.75 18.08 6.72
CA GLY C 27 1.66 19.16 6.29
C GLY C 27 1.66 20.36 7.25
N TYR C 28 0.57 20.67 7.91
CA TYR C 28 0.47 21.85 8.82
C TYR C 28 1.27 21.57 10.11
N CYS C 29 1.08 20.41 10.74
CA CYS C 29 1.83 19.96 11.94
C CYS C 29 3.35 19.81 11.67
N ALA C 30 3.72 19.26 10.53
CA ALA C 30 5.11 19.10 10.09
C ALA C 30 5.76 20.48 9.96
N GLU C 31 5.02 21.48 9.48
CA GLU C 31 5.54 22.87 9.40
C GLU C 31 5.80 23.41 10.81
N ILE C 32 4.90 23.23 11.76
CA ILE C 32 5.11 23.75 13.15
C ILE C 32 6.43 23.18 13.66
N ALA C 33 6.58 21.86 13.53
CA ALA C 33 7.77 21.15 14.02
C ALA C 33 9.00 21.70 13.29
N ALA C 34 8.89 22.00 12.00
CA ALA C 34 10.03 22.46 11.18
C ALA C 34 10.53 23.84 11.65
N ASN C 35 9.71 24.62 12.38
CA ASN C 35 10.06 25.99 12.85
C ASN C 35 10.91 25.93 14.11
N VAL C 36 10.99 24.79 14.82
CA VAL C 36 11.69 24.72 16.14
C VAL C 36 13.22 24.77 15.98
N GLY C 37 13.81 24.08 15.02
CA GLY C 37 15.26 24.08 14.82
C GLY C 37 15.89 22.72 15.08
N TYR C 38 15.13 21.64 15.05
CA TYR C 38 15.67 20.26 15.16
C TYR C 38 16.57 20.00 13.95
N ASP C 39 17.66 19.28 14.18
CA ASP C 39 18.59 18.93 13.09
C ASP C 39 17.84 18.06 12.08
N TRP C 40 16.93 17.19 12.57
CA TRP C 40 16.13 16.25 11.76
C TRP C 40 14.73 15.99 12.33
N LEU C 41 13.85 15.64 11.41
CA LEU C 41 12.41 15.38 11.61
C LEU C 41 12.15 14.00 11.00
N LEU C 42 11.64 13.07 11.79
CA LEU C 42 11.33 11.70 11.32
C LEU C 42 9.83 11.70 10.96
N ILE C 43 9.53 11.67 9.66
CA ILE C 43 8.14 11.54 9.17
C ILE C 43 7.81 10.05 9.23
N ASP C 44 6.89 9.65 10.12
CA ASP C 44 6.74 8.22 10.48
C ASP C 44 5.65 7.56 9.63
N GLY C 45 6.05 6.80 8.61
CA GLY C 45 5.10 6.05 7.76
C GLY C 45 4.85 4.65 8.30
N GLU C 46 5.41 4.28 9.44
CA GLU C 46 5.22 2.92 10.02
C GLU C 46 4.17 3.00 11.14
N HIS C 47 4.20 4.03 11.98
CA HIS C 47 3.39 4.04 13.23
C HIS C 47 2.47 5.27 13.28
N ALA C 48 2.49 6.14 12.28
CA ALA C 48 1.51 7.24 12.19
C ALA C 48 0.69 6.95 10.94
N PRO C 49 -0.56 7.45 10.83
CA PRO C 49 -1.40 7.19 9.67
C PRO C 49 -1.03 8.07 8.46
N ASN C 50 0.12 7.77 7.85
CA ASN C 50 0.68 8.41 6.64
C ASN C 50 0.59 7.46 5.43
N ASP C 51 0.51 8.03 4.25
CA ASP C 51 0.67 7.33 2.95
C ASP C 51 1.63 8.22 2.18
N VAL C 52 1.90 7.88 0.94
CA VAL C 52 2.87 8.59 0.08
C VAL C 52 2.42 10.05 -0.04
N ARG C 53 1.13 10.28 -0.24
CA ARG C 53 0.64 11.64 -0.51
C ARG C 53 0.82 12.50 0.76
N SER C 54 0.53 11.98 1.97
CA SER C 54 0.63 12.78 3.22
C SER C 54 2.12 13.04 3.53
N ILE C 55 2.99 12.11 3.14
CA ILE C 55 4.47 12.24 3.36
C ILE C 55 4.96 13.35 2.41
N LEU C 56 4.50 13.34 1.16
CA LEU C 56 4.82 14.40 0.18
C LEU C 56 4.42 15.74 0.79
N ALA C 57 3.19 15.90 1.28
CA ALA C 57 2.73 17.20 1.83
C ALA C 57 3.75 17.64 2.90
N GLN C 58 4.21 16.72 3.73
CA GLN C 58 5.09 17.05 4.89
C GLN C 58 6.51 17.31 4.40
N LEU C 59 7.01 16.63 3.37
CA LEU C 59 8.30 17.04 2.74
C LEU C 59 8.18 18.47 2.21
N GLN C 60 7.10 18.82 1.51
CA GLN C 60 6.95 20.19 0.96
C GLN C 60 6.92 21.25 2.08
N SER C 61 6.29 20.97 3.22
CA SER C 61 6.21 21.95 4.35
C SER C 61 7.62 22.23 4.86
N ILE C 62 8.32 21.13 5.11
CA ILE C 62 9.63 21.06 5.81
C ILE C 62 10.75 21.64 4.92
N ALA C 63 10.60 21.53 3.59
CA ALA C 63 11.62 21.91 2.58
C ALA C 63 12.04 23.39 2.75
N ALA C 64 11.17 24.27 3.26
CA ALA C 64 11.45 25.71 3.40
C ALA C 64 12.33 25.97 4.61
N TYR C 65 12.62 24.95 5.42
CA TYR C 65 13.25 25.14 6.75
C TYR C 65 14.54 24.37 6.77
N PRO C 66 15.54 24.77 7.57
CA PRO C 66 16.79 24.00 7.63
C PRO C 66 16.65 22.55 8.16
N SER C 67 15.66 22.20 8.97
CA SER C 67 15.49 20.81 9.48
C SER C 67 15.48 19.82 8.31
N GLN C 68 16.22 18.73 8.44
CA GLN C 68 16.36 17.67 7.40
C GLN C 68 15.32 16.58 7.67
N ALA C 69 14.60 16.16 6.62
CA ALA C 69 13.53 15.14 6.70
C ALA C 69 14.14 13.75 6.52
N VAL C 70 13.68 12.81 7.32
CA VAL C 70 14.00 11.37 7.27
C VAL C 70 12.63 10.70 7.22
N VAL C 71 12.45 9.72 6.35
CA VAL C 71 11.13 9.06 6.21
C VAL C 71 11.28 7.62 6.63
N ARG C 72 10.48 7.18 7.61
CA ARG C 72 10.35 5.74 7.90
C ARG C 72 9.23 5.12 7.08
N PRO C 73 9.48 4.26 6.08
CA PRO C 73 8.39 3.49 5.51
C PRO C 73 7.83 2.40 6.45
N VAL C 74 6.61 1.94 6.14
CA VAL C 74 5.90 0.93 6.97
C VAL C 74 6.74 -0.35 7.04
N SER C 75 7.53 -0.67 5.99
CA SER C 75 8.44 -1.84 5.95
C SER C 75 9.46 -1.67 4.81
N GLY C 76 10.38 -2.63 4.70
CA GLY C 76 11.45 -2.65 3.69
C GLY C 76 10.89 -3.14 2.37
N ASP C 77 9.90 -2.43 1.86
CA ASP C 77 9.18 -2.80 0.62
C ASP C 77 9.84 -2.01 -0.51
N VAL C 78 10.38 -2.72 -1.49
CA VAL C 78 11.19 -2.12 -2.60
C VAL C 78 10.34 -1.12 -3.39
N PRO C 79 9.11 -1.50 -3.85
CA PRO C 79 8.26 -0.55 -4.57
C PRO C 79 7.93 0.71 -3.74
N LEU C 80 7.64 0.56 -2.43
CA LEU C 80 7.28 1.74 -1.56
C LEU C 80 8.55 2.61 -1.42
N ILE C 81 9.72 1.99 -1.36
CA ILE C 81 10.99 2.77 -1.26
C ILE C 81 11.13 3.59 -2.55
N LYS C 82 10.90 2.96 -3.71
CA LYS C 82 10.87 3.68 -5.02
C LYS C 82 9.97 4.91 -4.92
N GLN C 83 8.75 4.76 -4.41
CA GLN C 83 7.80 5.89 -4.38
C GLN C 83 8.36 7.01 -3.49
N LEU C 84 8.90 6.66 -2.34
CA LEU C 84 9.30 7.67 -1.33
C LEU C 84 10.53 8.41 -1.87
N LEU C 85 11.40 7.70 -2.58
CA LEU C 85 12.57 8.37 -3.20
C LEU C 85 12.09 9.33 -4.29
N ASP C 86 11.08 8.94 -5.07
CA ASP C 86 10.67 9.80 -6.22
C ASP C 86 9.99 11.08 -5.70
N ILE C 87 9.29 11.04 -4.55
CA ILE C 87 8.69 12.28 -4.00
C ILE C 87 9.76 13.12 -3.30
N GLY C 88 11.00 12.63 -3.20
CA GLY C 88 12.19 13.42 -2.88
C GLY C 88 12.69 13.26 -1.45
N ALA C 89 12.23 12.24 -0.71
CA ALA C 89 12.83 11.77 0.56
C ALA C 89 14.27 11.30 0.29
N GLN C 90 15.22 11.97 0.91
CA GLN C 90 16.66 11.74 0.63
C GLN C 90 17.22 10.80 1.69
N THR C 91 16.56 10.68 2.83
CA THR C 91 16.97 9.81 3.94
C THR C 91 15.82 8.91 4.32
N LEU C 92 16.07 7.60 4.33
CA LEU C 92 15.10 6.57 4.72
C LEU C 92 15.59 5.79 5.93
N LEU C 93 14.67 5.51 6.86
CA LEU C 93 14.89 4.66 8.02
C LEU C 93 14.04 3.39 7.84
N ILE C 94 14.68 2.28 7.52
CA ILE C 94 13.96 1.02 7.26
C ILE C 94 13.79 0.28 8.59
N PRO C 95 12.54 -0.01 9.00
CA PRO C 95 12.29 -0.76 10.22
C PRO C 95 12.60 -2.27 10.07
N MET C 96 12.95 -2.88 11.21
CA MET C 96 12.90 -4.35 11.41
C MET C 96 13.80 -5.04 10.39
N VAL C 97 15.01 -4.52 10.22
CA VAL C 97 16.02 -5.14 9.34
C VAL C 97 16.76 -6.21 10.15
N GLU C 98 16.91 -7.39 9.55
CA GLU C 98 17.20 -8.65 10.28
C GLU C 98 18.29 -9.50 9.61
N SER C 99 18.87 -9.06 8.50
CA SER C 99 20.01 -9.80 7.89
C SER C 99 20.79 -8.87 6.95
N ALA C 100 22.02 -9.26 6.65
CA ALA C 100 22.90 -8.59 5.66
C ALA C 100 22.21 -8.65 4.30
N GLU C 101 21.60 -9.77 3.97
CA GLU C 101 20.84 -9.99 2.72
C GLU C 101 19.75 -8.91 2.65
N GLN C 102 18.94 -8.74 3.70
CA GLN C 102 17.86 -7.75 3.68
C GLN C 102 18.45 -6.32 3.58
N ALA C 103 19.51 -6.00 4.31
CA ALA C 103 20.12 -4.65 4.29
C ALA C 103 20.71 -4.37 2.89
N GLU C 104 21.29 -5.38 2.24
CA GLU C 104 21.82 -5.25 0.85
C GLU C 104 20.63 -5.01 -0.10
N LEU C 105 19.51 -5.69 0.08
CA LEU C 105 18.32 -5.44 -0.77
C LEU C 105 17.95 -3.95 -0.63
N MET C 106 17.97 -3.41 0.59
CA MET C 106 17.57 -2.01 0.86
C MET C 106 18.58 -1.05 0.19
N VAL C 107 19.87 -1.32 0.25
CA VAL C 107 20.89 -0.51 -0.46
C VAL C 107 20.52 -0.46 -1.96
N LYS C 108 20.35 -1.63 -2.58
CA LYS C 108 19.98 -1.75 -4.01
C LYS C 108 18.69 -0.98 -4.32
N ALA C 109 17.72 -1.03 -3.42
CA ALA C 109 16.39 -0.39 -3.55
C ALA C 109 16.58 1.14 -3.61
N THR C 110 17.70 1.67 -3.12
CA THR C 110 17.94 3.14 -3.10
C THR C 110 18.84 3.55 -4.25
N ARG C 111 19.33 2.60 -5.06
CA ARG C 111 20.28 2.96 -6.15
C ARG C 111 19.75 2.52 -7.52
N TYR C 112 20.00 3.35 -8.52
CA TYR C 112 19.55 3.13 -9.92
C TYR C 112 20.28 1.95 -10.53
N PRO C 113 19.69 1.23 -11.50
CA PRO C 113 20.44 0.23 -12.26
C PRO C 113 21.57 0.95 -13.00
N PRO C 114 22.66 0.23 -13.39
CA PRO C 114 22.77 -1.23 -13.20
C PRO C 114 23.22 -1.73 -11.82
N GLU C 115 23.73 -0.84 -10.94
CA GLU C 115 24.18 -1.22 -9.57
C GLU C 115 22.99 -1.59 -8.65
N GLY C 116 21.83 -0.94 -8.78
CA GLY C 116 20.69 -1.19 -7.88
C GLY C 116 19.43 -1.51 -8.64
N ILE C 117 18.29 -1.40 -7.97
CA ILE C 117 16.95 -1.76 -8.54
C ILE C 117 15.94 -0.64 -8.30
N ARG C 118 16.38 0.57 -7.99
CA ARG C 118 15.48 1.74 -7.94
C ARG C 118 14.90 1.95 -9.35
N GLY C 119 13.58 1.84 -9.48
CA GLY C 119 12.85 2.20 -10.71
C GLY C 119 13.16 3.63 -11.14
N VAL C 120 13.37 3.80 -12.45
CA VAL C 120 13.77 5.08 -13.10
C VAL C 120 12.53 5.76 -13.67
N GLY C 121 12.21 6.95 -13.15
CA GLY C 121 11.11 7.80 -13.64
C GLY C 121 11.34 9.25 -13.25
N ALA C 122 12.52 9.77 -13.57
CA ALA C 122 13.01 11.10 -13.13
C ALA C 122 12.11 12.24 -13.63
N ALA C 123 11.53 12.13 -14.82
CA ALA C 123 10.67 13.15 -15.48
C ALA C 123 9.49 13.51 -14.58
N LEU C 124 8.96 12.54 -13.84
CA LEU C 124 7.69 12.65 -13.04
C LEU C 124 8.01 12.98 -11.59
N ALA C 125 9.26 12.98 -11.17
CA ALA C 125 9.66 12.98 -9.74
C ALA C 125 9.92 14.40 -9.22
N ARG C 126 9.34 14.73 -8.08
CA ARG C 126 9.84 15.82 -7.22
C ARG C 126 11.34 15.59 -6.90
N ALA C 127 11.82 14.34 -6.77
CA ALA C 127 13.26 14.09 -6.44
C ALA C 127 14.17 14.81 -7.44
N SER C 128 13.80 14.84 -8.72
CA SER C 128 14.61 15.47 -9.79
C SER C 128 14.14 16.92 -10.03
N ARG C 129 13.14 17.36 -9.28
CA ARG C 129 12.36 18.58 -9.59
C ARG C 129 11.93 18.53 -11.06
N TRP C 130 11.40 17.40 -11.49
CA TRP C 130 10.77 17.19 -12.82
C TRP C 130 11.79 17.51 -13.92
N ASN C 131 13.02 16.99 -13.74
CA ASN C 131 14.23 17.08 -14.61
C ASN C 131 14.85 18.48 -14.57
N ASN C 132 14.43 19.34 -13.64
CA ASN C 132 15.02 20.70 -13.51
C ASN C 132 16.41 20.60 -12.83
N ILE C 133 16.67 19.53 -12.05
CA ILE C 133 18.04 19.10 -11.68
C ILE C 133 18.61 18.25 -12.83
N SER C 134 19.52 18.83 -13.61
CA SER C 134 19.90 18.39 -15.00
C SER C 134 20.56 17.02 -14.98
N ASP C 135 21.42 16.74 -13.98
CA ASP C 135 22.28 15.54 -13.92
C ASP C 135 21.73 14.59 -12.84
N TYR C 136 20.45 14.68 -12.51
CA TYR C 136 19.87 13.93 -11.37
C TYR C 136 20.20 12.44 -11.48
N LEU C 137 20.03 11.85 -12.66
CA LEU C 137 20.22 10.39 -12.86
C LEU C 137 21.68 10.01 -12.62
N GLN C 138 22.62 10.95 -12.77
CA GLN C 138 24.07 10.69 -12.54
C GLN C 138 24.46 10.92 -11.05
N THR C 139 23.81 11.84 -10.34
CA THR C 139 24.27 12.35 -9.02
C THR C 139 23.30 11.95 -7.89
N ALA C 140 22.15 11.36 -8.20
CA ALA C 140 21.09 11.14 -7.17
C ALA C 140 21.66 10.40 -5.95
N ASP C 141 22.34 9.28 -6.20
CA ASP C 141 22.77 8.39 -5.10
C ASP C 141 23.71 9.13 -4.13
N GLU C 142 24.60 9.99 -4.61
CA GLU C 142 25.53 10.73 -3.72
C GLU C 142 24.75 11.28 -2.52
N GLN C 143 23.54 11.81 -2.75
CA GLN C 143 22.75 12.53 -1.70
C GLN C 143 21.68 11.63 -1.06
N ILE C 144 21.65 10.32 -1.33
CA ILE C 144 20.68 9.40 -0.66
C ILE C 144 21.40 8.79 0.55
N CYS C 145 20.72 8.75 1.67
CA CYS C 145 21.22 8.21 2.95
C CYS C 145 20.33 7.06 3.40
N LEU C 146 20.89 5.87 3.56
CA LEU C 146 20.08 4.69 4.02
C LEU C 146 20.40 4.37 5.48
N LEU C 147 19.38 4.46 6.33
CA LEU C 147 19.50 3.98 7.72
C LEU C 147 18.69 2.68 7.85
N VAL C 148 19.16 1.75 8.67
CA VAL C 148 18.35 0.54 8.97
C VAL C 148 18.17 0.39 10.48
N GLN C 149 17.01 -0.10 10.89
CA GLN C 149 16.72 -0.34 12.31
C GLN C 149 17.11 -1.77 12.69
N VAL C 150 17.91 -1.88 13.76
CA VAL C 150 18.06 -3.15 14.52
C VAL C 150 17.21 -3.06 15.80
N GLU C 151 16.23 -3.94 15.89
CA GLU C 151 15.16 -3.84 16.92
C GLU C 151 14.48 -5.19 17.11
N SER C 152 15.19 -6.27 16.82
CA SER C 152 14.72 -7.65 17.07
C SER C 152 15.91 -8.54 17.45
N LYS C 153 15.65 -9.72 18.00
CA LYS C 153 16.69 -10.70 18.39
C LYS C 153 17.45 -11.07 17.12
N LYS C 154 16.73 -11.35 16.04
CA LYS C 154 17.39 -11.72 14.75
C LYS C 154 18.20 -10.55 14.21
N GLY C 155 17.74 -9.31 14.33
CA GLY C 155 18.61 -8.17 14.04
C GLY C 155 19.91 -8.20 14.84
N LEU C 156 19.85 -8.34 16.16
CA LEU C 156 21.08 -8.42 17.00
C LEU C 156 21.92 -9.63 16.59
N ASP C 157 21.29 -10.73 16.16
CA ASP C 157 21.98 -11.98 15.74
C ASP C 157 22.67 -11.81 14.39
N ASN C 158 22.38 -10.72 13.67
CA ASN C 158 22.96 -10.45 12.34
C ASN C 158 23.64 -9.09 12.36
N LEU C 159 23.96 -8.58 13.55
CA LEU C 159 24.46 -7.19 13.72
C LEU C 159 25.79 -7.03 12.98
N ASP C 160 26.83 -7.85 13.27
CA ASP C 160 28.16 -7.75 12.59
C ASP C 160 28.01 -7.84 11.08
N GLU C 161 27.10 -8.69 10.58
CA GLU C 161 26.88 -8.91 9.13
C GLU C 161 26.23 -7.64 8.57
N ILE C 162 25.21 -7.09 9.22
CA ILE C 162 24.58 -5.83 8.75
C ILE C 162 25.62 -4.69 8.72
N LEU C 163 26.51 -4.65 9.71
CA LEU C 163 27.53 -3.58 9.89
C LEU C 163 28.62 -3.66 8.82
N ASN C 164 28.72 -4.78 8.08
CA ASN C 164 29.69 -4.88 6.96
C ASN C 164 29.00 -4.64 5.62
N VAL C 165 27.74 -4.19 5.61
CA VAL C 165 27.04 -3.95 4.31
C VAL C 165 27.37 -2.53 3.85
N ASP C 166 28.08 -2.42 2.73
CA ASP C 166 28.46 -1.12 2.13
C ASP C 166 27.18 -0.46 1.61
N GLY C 167 26.99 0.79 2.06
CA GLY C 167 25.88 1.65 1.69
C GLY C 167 24.85 1.76 2.80
N VAL C 168 24.99 1.01 3.89
CA VAL C 168 24.22 1.30 5.13
C VAL C 168 24.94 2.44 5.85
N ASP C 169 24.37 3.64 5.83
CA ASP C 169 24.98 4.84 6.46
C ASP C 169 24.81 4.77 7.98
N GLY C 170 23.78 4.12 8.49
CA GLY C 170 23.50 4.19 9.92
C GLY C 170 22.62 3.05 10.36
N ILE C 171 22.81 2.67 11.61
CA ILE C 171 21.94 1.70 12.28
C ILE C 171 21.28 2.42 13.45
N PHE C 172 19.96 2.42 13.44
CA PHE C 172 19.09 3.03 14.46
C PHE C 172 18.52 1.90 15.32
N ILE C 173 18.58 2.07 16.63
CA ILE C 173 18.04 1.08 17.61
C ILE C 173 16.63 1.52 17.97
N GLY C 174 15.66 0.63 17.79
CA GLY C 174 14.25 0.81 18.21
C GLY C 174 14.02 0.24 19.61
N PRO C 175 14.01 1.07 20.68
CA PRO C 175 13.92 0.54 22.05
C PRO C 175 12.55 -0.09 22.36
N ALA C 176 11.46 0.44 21.84
CA ALA C 176 10.13 -0.18 22.02
C ALA C 176 10.13 -1.58 21.38
N ASP C 177 10.48 -1.72 20.12
CA ASP C 177 10.39 -3.06 19.46
C ASP C 177 11.40 -3.99 20.14
N LEU C 178 12.58 -3.47 20.50
CA LEU C 178 13.69 -4.33 20.98
C LEU C 178 13.38 -4.79 22.39
N SER C 179 12.96 -3.89 23.27
CA SER C 179 12.61 -4.27 24.65
C SER C 179 11.50 -5.34 24.60
N ALA C 180 10.49 -5.18 23.73
CA ALA C 180 9.41 -6.17 23.57
C ALA C 180 9.97 -7.53 23.09
N ALA C 181 10.86 -7.55 22.10
CA ALA C 181 11.47 -8.80 21.57
C ALA C 181 12.27 -9.51 22.66
N LEU C 182 12.80 -8.74 23.62
CA LEU C 182 13.65 -9.26 24.70
C LEU C 182 12.80 -9.73 25.90
N GLY C 183 11.45 -9.75 25.82
CA GLY C 183 10.54 -10.11 26.93
C GLY C 183 10.33 -8.99 27.95
N TYR C 184 10.66 -7.72 27.63
CA TYR C 184 10.56 -6.55 28.55
C TYR C 184 9.67 -5.49 27.90
N ARG C 185 8.58 -5.94 27.30
CA ARG C 185 7.66 -5.04 26.56
C ARG C 185 7.19 -3.89 27.46
N GLY C 186 7.32 -2.65 26.97
CA GLY C 186 6.94 -1.45 27.71
C GLY C 186 7.95 -1.03 28.78
N ASN C 187 9.12 -1.67 28.86
CA ASN C 187 10.10 -1.42 29.96
C ASN C 187 11.52 -1.40 29.41
N PRO C 188 11.79 -0.57 28.38
CA PRO C 188 13.14 -0.48 27.82
C PRO C 188 14.18 0.06 28.82
N GLY C 189 13.73 0.78 29.86
CA GLY C 189 14.58 1.33 30.92
C GLY C 189 15.30 0.25 31.74
N HIS C 190 14.86 -1.03 31.68
CA HIS C 190 15.55 -2.17 32.38
C HIS C 190 17.02 -2.32 31.95
N GLU C 191 17.85 -2.62 32.94
CA GLU C 191 19.32 -2.77 32.81
C GLU C 191 19.64 -3.83 31.75
N PHE C 192 18.94 -4.96 31.74
CA PHE C 192 19.15 -6.01 30.70
C PHE C 192 19.09 -5.34 29.32
N VAL C 193 18.02 -4.57 29.05
CA VAL C 193 17.81 -3.89 27.74
C VAL C 193 18.90 -2.83 27.55
N GLN C 194 19.10 -1.96 28.54
CA GLN C 194 20.04 -0.80 28.39
C GLN C 194 21.45 -1.30 28.08
N ASN C 195 21.88 -2.41 28.68
CA ASN C 195 23.25 -2.94 28.50
C ASN C 195 23.41 -3.42 27.05
N ILE C 196 22.40 -4.08 26.47
CA ILE C 196 22.41 -4.48 25.03
C ILE C 196 22.40 -3.22 24.15
N ILE C 197 21.65 -2.19 24.51
CA ILE C 197 21.57 -0.97 23.67
C ILE C 197 22.96 -0.34 23.61
N VAL C 198 23.63 -0.21 24.76
CA VAL C 198 24.94 0.49 24.89
C VAL C 198 25.97 -0.31 24.09
N GLN C 199 26.05 -1.62 24.30
CA GLN C 199 27.01 -2.50 23.57
C GLN C 199 26.77 -2.33 22.06
N THR C 200 25.48 -2.30 21.65
CA THR C 200 25.08 -2.24 20.22
C THR C 200 25.59 -0.93 19.64
N ILE C 201 25.37 0.19 20.34
CA ILE C 201 25.85 1.52 19.90
C ILE C 201 27.37 1.44 19.69
N GLN C 202 28.09 0.90 20.68
CA GLN C 202 29.58 0.81 20.64
C GLN C 202 29.97 0.00 19.39
N LYS C 203 29.29 -1.11 19.10
CA LYS C 203 29.66 -1.97 17.95
C LYS C 203 29.40 -1.20 16.65
N ILE C 204 28.26 -0.49 16.57
CA ILE C 204 27.91 0.31 15.37
C ILE C 204 29.03 1.33 15.13
N ARG C 205 29.42 2.11 16.13
CA ARG C 205 30.45 3.16 15.93
C ARG C 205 31.82 2.48 15.66
N ALA C 206 32.13 1.31 16.22
CA ALA C 206 33.44 0.61 15.99
C ALA C 206 33.54 0.16 14.54
N ALA C 207 32.40 -0.12 13.91
CA ALA C 207 32.39 -0.52 12.50
C ALA C 207 32.31 0.70 11.57
N GLY C 208 32.41 1.93 12.10
CA GLY C 208 32.48 3.18 11.31
C GLY C 208 31.13 3.57 10.73
N LYS C 209 30.02 3.10 11.29
CA LYS C 209 28.66 3.55 10.87
C LYS C 209 28.12 4.53 11.88
N ALA C 210 27.18 5.36 11.48
CA ALA C 210 26.42 6.21 12.42
C ALA C 210 25.42 5.35 13.23
N ALA C 211 25.33 5.60 14.54
CA ALA C 211 24.37 4.97 15.47
C ALA C 211 23.27 5.99 15.73
N GLY C 212 22.02 5.53 15.76
CA GLY C 212 20.89 6.36 16.19
C GLY C 212 19.96 5.64 17.12
N ILE C 213 19.13 6.43 17.78
CA ILE C 213 18.15 5.95 18.76
C ILE C 213 17.10 7.05 18.97
N LEU C 214 15.94 6.65 19.47
CA LEU C 214 14.93 7.57 20.05
C LEU C 214 14.86 7.34 21.56
N SER C 215 14.86 8.40 22.35
CA SER C 215 14.34 8.34 23.73
C SER C 215 13.74 9.67 24.13
N ALA C 216 12.49 9.60 24.58
CA ALA C 216 11.75 10.70 25.23
C ALA C 216 12.26 10.91 26.66
N ASP C 217 13.03 9.99 27.22
CA ASP C 217 13.69 10.15 28.54
C ASP C 217 14.95 11.01 28.36
N GLU C 218 14.95 12.18 28.97
CA GLU C 218 16.00 13.19 28.80
C GLU C 218 17.32 12.60 29.29
N LYS C 219 17.30 11.97 30.47
CA LYS C 219 18.56 11.44 31.05
C LYS C 219 19.09 10.36 30.11
N LEU C 220 18.25 9.48 29.56
CA LEU C 220 18.77 8.40 28.67
C LEU C 220 19.29 9.02 27.37
N ALA C 221 18.62 10.05 26.85
CA ALA C 221 19.02 10.75 25.61
C ALA C 221 20.40 11.38 25.79
N LYS C 222 20.60 12.10 26.89
CA LYS C 222 21.94 12.71 27.20
C LYS C 222 22.99 11.60 27.35
N GLN C 223 22.68 10.52 28.02
CA GLN C 223 23.65 9.40 28.17
C GLN C 223 23.98 8.86 26.77
N TYR C 224 23.02 8.72 25.85
CA TYR C 224 23.34 8.21 24.49
C TYR C 224 24.20 9.23 23.72
N LEU C 225 23.96 10.52 23.94
CA LEU C 225 24.80 11.59 23.34
C LEU C 225 26.23 11.54 23.91
N GLU C 226 26.40 11.19 25.19
CA GLU C 226 27.75 11.12 25.81
C GLU C 226 28.51 9.93 25.21
N LEU C 227 27.80 8.87 24.78
CA LEU C 227 28.41 7.70 24.09
C LEU C 227 28.84 8.04 22.67
N GLY C 228 28.51 9.21 22.13
CA GLY C 228 28.90 9.59 20.76
C GLY C 228 27.83 9.21 19.75
N THR C 229 26.65 8.81 20.20
CA THR C 229 25.55 8.45 19.26
C THR C 229 25.32 9.62 18.28
N GLU C 230 25.34 9.32 16.97
CA GLU C 230 25.38 10.36 15.92
C GLU C 230 24.00 11.00 15.68
N PHE C 231 22.90 10.24 15.78
CA PHE C 231 21.53 10.79 15.54
C PHE C 231 20.57 10.28 16.61
N VAL C 232 20.09 11.23 17.40
CA VAL C 232 19.29 10.95 18.62
C VAL C 232 18.02 11.76 18.50
N ALA C 233 16.91 11.06 18.41
CA ALA C 233 15.57 11.69 18.53
C ALA C 233 15.23 11.72 20.02
N VAL C 234 14.63 12.81 20.43
CA VAL C 234 14.63 13.27 21.84
C VAL C 234 13.17 13.45 22.30
N GLY C 235 12.22 13.31 21.39
CA GLY C 235 10.77 13.39 21.69
C GLY C 235 9.91 13.10 20.45
N VAL C 236 8.61 13.08 20.67
CA VAL C 236 7.56 12.68 19.68
C VAL C 236 6.48 13.75 19.71
N ASP C 237 6.08 14.32 18.58
CA ASP C 237 5.09 15.43 18.53
C ASP C 237 3.79 15.01 19.25
N THR C 238 3.24 13.82 18.96
CA THR C 238 1.96 13.40 19.61
C THR C 238 2.13 13.34 21.14
N SER C 239 3.22 12.76 21.65
CA SER C 239 3.52 12.66 23.11
C SER C 239 3.59 14.08 23.70
N LEU C 240 4.26 15.02 23.03
CA LEU C 240 4.42 16.39 23.55
C LEU C 240 3.10 17.16 23.52
N LEU C 241 2.28 16.96 22.48
CA LEU C 241 0.97 17.63 22.41
C LEU C 241 0.10 17.13 23.56
N MET C 242 -0.01 15.81 23.71
CA MET C 242 -0.85 15.16 24.75
C MET C 242 -0.33 15.56 26.14
N LYS C 243 0.97 15.42 26.38
CA LYS C 243 1.53 15.60 27.74
C LYS C 243 1.32 17.06 28.15
N SER C 244 1.63 18.01 27.28
CA SER C 244 1.54 19.45 27.66
C SER C 244 0.05 19.80 27.88
N MET C 245 -0.89 19.20 27.12
CA MET C 245 -2.34 19.51 27.31
C MET C 245 -2.81 18.93 28.66
N LYS C 246 -2.34 17.75 29.03
CA LYS C 246 -2.73 17.12 30.32
C LYS C 246 -2.16 17.94 31.48
N GLN C 247 -0.89 18.29 31.37
CA GLN C 247 -0.18 19.04 32.42
C GLN C 247 -0.92 20.36 32.64
N LEU C 248 -1.28 21.04 31.56
CA LEU C 248 -1.97 22.33 31.66
C LEU C 248 -3.31 22.12 32.38
N LEU C 249 -4.06 21.09 31.98
CA LEU C 249 -5.39 20.87 32.59
C LEU C 249 -5.28 20.58 34.09
N SER C 250 -4.27 19.84 34.53
CA SER C 250 -4.06 19.45 35.95
C SER C 250 -3.83 20.68 36.84
N LYS C 251 -3.49 21.85 36.29
CA LYS C 251 -3.32 23.13 37.04
C LYS C 251 -4.66 23.75 37.40
N PHE C 252 -5.76 23.28 36.80
CA PHE C 252 -7.12 23.79 37.07
C PHE C 252 -8.08 22.65 37.47
N LYS C 253 -7.69 21.39 37.33
CA LYS C 253 -8.52 20.17 37.05
C LYS C 253 -9.98 20.54 36.77
#